data_6JQS
# 
_entry.id   6JQS 
# 
_audit_conform.dict_name       mmcif_pdbx.dic 
_audit_conform.dict_version    5.387 
_audit_conform.dict_location   http://mmcif.pdb.org/dictionaries/ascii/mmcif_pdbx.dic 
# 
loop_
_database_2.database_id 
_database_2.database_code 
_database_2.pdbx_database_accession 
_database_2.pdbx_DOI 
PDB   6JQS         pdb_00006jqs 10.2210/pdb6jqs/pdb 
WWPDB D_1300011598 ?            ?                   
# 
loop_
_pdbx_audit_revision_history.ordinal 
_pdbx_audit_revision_history.data_content_type 
_pdbx_audit_revision_history.major_revision 
_pdbx_audit_revision_history.minor_revision 
_pdbx_audit_revision_history.revision_date 
1 'Structure model' 1 0 2019-04-24 
2 'Structure model' 1 1 2019-05-15 
3 'Structure model' 1 2 2024-03-27 
# 
_pdbx_audit_revision_details.ordinal             1 
_pdbx_audit_revision_details.revision_ordinal    1 
_pdbx_audit_revision_details.data_content_type   'Structure model' 
_pdbx_audit_revision_details.provider            repository 
_pdbx_audit_revision_details.type                'Initial release' 
_pdbx_audit_revision_details.description         ? 
_pdbx_audit_revision_details.details             ? 
# 
loop_
_pdbx_audit_revision_group.ordinal 
_pdbx_audit_revision_group.revision_ordinal 
_pdbx_audit_revision_group.data_content_type 
_pdbx_audit_revision_group.group 
1 2 'Structure model' 'Data collection'     
2 2 'Structure model' 'Database references' 
3 3 'Structure model' 'Data collection'     
4 3 'Structure model' 'Database references' 
# 
loop_
_pdbx_audit_revision_category.ordinal 
_pdbx_audit_revision_category.revision_ordinal 
_pdbx_audit_revision_category.data_content_type 
_pdbx_audit_revision_category.category 
1 2 'Structure model' citation       
2 3 'Structure model' chem_comp_atom 
3 3 'Structure model' chem_comp_bond 
4 3 'Structure model' database_2     
# 
loop_
_pdbx_audit_revision_item.ordinal 
_pdbx_audit_revision_item.revision_ordinal 
_pdbx_audit_revision_item.data_content_type 
_pdbx_audit_revision_item.item 
1 2 'Structure model' '_citation.journal_abbrev'            
2 2 'Structure model' '_citation.journal_volume'            
3 2 'Structure model' '_citation.page_first'                
4 2 'Structure model' '_citation.page_last'                 
5 3 'Structure model' '_database_2.pdbx_DOI'                
6 3 'Structure model' '_database_2.pdbx_database_accession' 
# 
_pdbx_database_status.status_code                     REL 
_pdbx_database_status.status_code_sf                  REL 
_pdbx_database_status.status_code_mr                  ? 
_pdbx_database_status.entry_id                        6JQS 
_pdbx_database_status.recvd_initial_deposition_date   2019-04-01 
_pdbx_database_status.SG_entry                        N 
_pdbx_database_status.deposit_site                    PDBJ 
_pdbx_database_status.process_site                    PDBJ 
_pdbx_database_status.status_code_cs                  ? 
_pdbx_database_status.methods_development_category    ? 
_pdbx_database_status.pdb_format_compatible           Y 
_pdbx_database_status.status_code_nmr_data            ? 
# 
loop_
_audit_author.name 
_audit_author.pdbx_ordinal 
_audit_author.identifier_ORCID 
'Lee, J.H.' 1 ? 
'Lee, C.W.' 2 ? 
# 
_citation.abstract                  ? 
_citation.abstract_id_CAS           ? 
_citation.book_id_ISBN              ? 
_citation.book_publisher            ? 
_citation.book_publisher_city       ? 
_citation.book_title                ? 
_citation.coordinate_linkage        ? 
_citation.country                   US 
_citation.database_id_Medline       ? 
_citation.details                   ? 
_citation.id                        primary 
_citation.journal_abbrev            Biochem.Biophys.Res.Commun. 
_citation.journal_id_ASTM           BBRCA9 
_citation.journal_id_CSD            0146 
_citation.journal_id_ISSN           1090-2104 
_citation.journal_full              ? 
_citation.journal_issue             ? 
_citation.journal_volume            513 
_citation.language                  ? 
_citation.page_first                374 
_citation.page_last                 379 
_citation.title                     
'Crystal structure of a transcription factor, GerE (PaGerE), from spore-forming bacterium Paenisporosarcina sp. TG-14.' 
_citation.year                      2019 
_citation.database_id_CSD           ? 
_citation.pdbx_database_id_DOI      10.1016/j.bbrc.2019.04.019 
_citation.pdbx_database_id_PubMed   30967265 
_citation.unpublished_flag          ? 
# 
loop_
_citation_author.citation_id 
_citation_author.name 
_citation_author.ordinal 
_citation_author.identifier_ORCID 
primary 'Lee, C.W.'   1  ? 
primary 'Park, S.H.'  2  ? 
primary 'Koh, H.Y.'   3  ? 
primary 'Jeong, C.S.' 4  ? 
primary 'Hwang, J.'   5  ? 
primary 'Lee, S.G.'   6  ? 
primary 'Youn, U.J.'  7  ? 
primary 'Lee, C.S.'   8  ? 
primary 'Park, H.H.'  9  ? 
primary 'Kim, H.J.'   10 ? 
primary 'Park, H.'    11 ? 
primary 'Lee, J.H.'   12 ? 
# 
loop_
_entity.id 
_entity.type 
_entity.src_method 
_entity.pdbx_description 
_entity.formula_weight 
_entity.pdbx_number_of_molecules 
_entity.pdbx_ec 
_entity.pdbx_mutation 
_entity.pdbx_fragment 
_entity.details 
1 polymer man 'DNA-binding response regulator' 8627.958 1  ? ? ? ? 
2 water   nat water                            18.015   40 ? ? ? ? 
# 
_entity_poly.entity_id                      1 
_entity_poly.type                           'polypeptide(L)' 
_entity_poly.nstd_linkage                   no 
_entity_poly.nstd_monomer                   no 
_entity_poly.pdbx_seq_one_letter_code       MLSERAHHRSLLTGREREIFQLLVRDYSTKDISIQLKISEKTVRNHISNTIQKLGVSGRSQAILELLRLGELSLD 
_entity_poly.pdbx_seq_one_letter_code_can   MLSERAHHRSLLTGREREIFQLLVRDYSTKDISIQLKISEKTVRNHISNTIQKLGVSGRSQAILELLRLGELSLD 
_entity_poly.pdbx_strand_id                 A 
_entity_poly.pdbx_target_identifier         ? 
# 
_pdbx_entity_nonpoly.entity_id   2 
_pdbx_entity_nonpoly.name        water 
_pdbx_entity_nonpoly.comp_id     HOH 
# 
loop_
_entity_poly_seq.entity_id 
_entity_poly_seq.num 
_entity_poly_seq.mon_id 
_entity_poly_seq.hetero 
1 1  MET n 
1 2  LEU n 
1 3  SER n 
1 4  GLU n 
1 5  ARG n 
1 6  ALA n 
1 7  HIS n 
1 8  HIS n 
1 9  ARG n 
1 10 SER n 
1 11 LEU n 
1 12 LEU n 
1 13 THR n 
1 14 GLY n 
1 15 ARG n 
1 16 GLU n 
1 17 ARG n 
1 18 GLU n 
1 19 ILE n 
1 20 PHE n 
1 21 GLN n 
1 22 LEU n 
1 23 LEU n 
1 24 VAL n 
1 25 ARG n 
1 26 ASP n 
1 27 TYR n 
1 28 SER n 
1 29 THR n 
1 30 LYS n 
1 31 ASP n 
1 32 ILE n 
1 33 SER n 
1 34 ILE n 
1 35 GLN n 
1 36 LEU n 
1 37 LYS n 
1 38 ILE n 
1 39 SER n 
1 40 GLU n 
1 41 LYS n 
1 42 THR n 
1 43 VAL n 
1 44 ARG n 
1 45 ASN n 
1 46 HIS n 
1 47 ILE n 
1 48 SER n 
1 49 ASN n 
1 50 THR n 
1 51 ILE n 
1 52 GLN n 
1 53 LYS n 
1 54 LEU n 
1 55 GLY n 
1 56 VAL n 
1 57 SER n 
1 58 GLY n 
1 59 ARG n 
1 60 SER n 
1 61 GLN n 
1 62 ALA n 
1 63 ILE n 
1 64 LEU n 
1 65 GLU n 
1 66 LEU n 
1 67 LEU n 
1 68 ARG n 
1 69 LEU n 
1 70 GLY n 
1 71 GLU n 
1 72 LEU n 
1 73 SER n 
1 74 LEU n 
1 75 ASP n 
# 
_entity_src_gen.entity_id                          1 
_entity_src_gen.pdbx_src_id                        1 
_entity_src_gen.pdbx_alt_source_flag               sample 
_entity_src_gen.pdbx_seq_type                      'Biological sequence' 
_entity_src_gen.pdbx_beg_seq_num                   1 
_entity_src_gen.pdbx_end_seq_num                   75 
_entity_src_gen.gene_src_common_name               ? 
_entity_src_gen.gene_src_genus                     ? 
_entity_src_gen.pdbx_gene_src_gene                 ? 
_entity_src_gen.gene_src_species                   ? 
_entity_src_gen.gene_src_strain                    ? 
_entity_src_gen.gene_src_tissue                    ? 
_entity_src_gen.gene_src_tissue_fraction           ? 
_entity_src_gen.gene_src_details                   ? 
_entity_src_gen.pdbx_gene_src_fragment             ? 
_entity_src_gen.pdbx_gene_src_scientific_name      'Paenisporosarcina sp. TG-14' 
_entity_src_gen.pdbx_gene_src_ncbi_taxonomy_id     1231057 
_entity_src_gen.pdbx_gene_src_variant              ? 
_entity_src_gen.pdbx_gene_src_cell_line            ? 
_entity_src_gen.pdbx_gene_src_atcc                 ? 
_entity_src_gen.pdbx_gene_src_organ                ? 
_entity_src_gen.pdbx_gene_src_organelle            ? 
_entity_src_gen.pdbx_gene_src_cell                 ? 
_entity_src_gen.pdbx_gene_src_cellular_location    ? 
_entity_src_gen.host_org_common_name               ? 
_entity_src_gen.pdbx_host_org_scientific_name      'Escherichia coli' 
_entity_src_gen.pdbx_host_org_ncbi_taxonomy_id     562 
_entity_src_gen.host_org_genus                     ? 
_entity_src_gen.pdbx_host_org_gene                 ? 
_entity_src_gen.pdbx_host_org_organ                ? 
_entity_src_gen.host_org_species                   ? 
_entity_src_gen.pdbx_host_org_tissue               ? 
_entity_src_gen.pdbx_host_org_tissue_fraction      ? 
_entity_src_gen.pdbx_host_org_strain               ? 
_entity_src_gen.pdbx_host_org_variant              ? 
_entity_src_gen.pdbx_host_org_cell_line            ? 
_entity_src_gen.pdbx_host_org_atcc                 ? 
_entity_src_gen.pdbx_host_org_culture_collection   ? 
_entity_src_gen.pdbx_host_org_cell                 ? 
_entity_src_gen.pdbx_host_org_organelle            ? 
_entity_src_gen.pdbx_host_org_cellular_location    ? 
_entity_src_gen.pdbx_host_org_vector_type          ? 
_entity_src_gen.pdbx_host_org_vector               ? 
_entity_src_gen.host_org_details                   ? 
_entity_src_gen.expression_system_id               ? 
_entity_src_gen.plasmid_name                       ? 
_entity_src_gen.plasmid_details                    ? 
_entity_src_gen.pdbx_description                   ? 
# 
loop_
_chem_comp.id 
_chem_comp.type 
_chem_comp.mon_nstd_flag 
_chem_comp.name 
_chem_comp.pdbx_synonyms 
_chem_comp.formula 
_chem_comp.formula_weight 
ALA 'L-peptide linking' y ALANINE         ? 'C3 H7 N O2'     89.093  
ARG 'L-peptide linking' y ARGININE        ? 'C6 H15 N4 O2 1' 175.209 
ASN 'L-peptide linking' y ASPARAGINE      ? 'C4 H8 N2 O3'    132.118 
ASP 'L-peptide linking' y 'ASPARTIC ACID' ? 'C4 H7 N O4'     133.103 
GLN 'L-peptide linking' y GLUTAMINE       ? 'C5 H10 N2 O3'   146.144 
GLU 'L-peptide linking' y 'GLUTAMIC ACID' ? 'C5 H9 N O4'     147.129 
GLY 'peptide linking'   y GLYCINE         ? 'C2 H5 N O2'     75.067  
HIS 'L-peptide linking' y HISTIDINE       ? 'C6 H10 N3 O2 1' 156.162 
HOH non-polymer         . WATER           ? 'H2 O'           18.015  
ILE 'L-peptide linking' y ISOLEUCINE      ? 'C6 H13 N O2'    131.173 
LEU 'L-peptide linking' y LEUCINE         ? 'C6 H13 N O2'    131.173 
LYS 'L-peptide linking' y LYSINE          ? 'C6 H15 N2 O2 1' 147.195 
MET 'L-peptide linking' y METHIONINE      ? 'C5 H11 N O2 S'  149.211 
PHE 'L-peptide linking' y PHENYLALANINE   ? 'C9 H11 N O2'    165.189 
SER 'L-peptide linking' y SERINE          ? 'C3 H7 N O3'     105.093 
THR 'L-peptide linking' y THREONINE       ? 'C4 H9 N O3'     119.119 
TYR 'L-peptide linking' y TYROSINE        ? 'C9 H11 N O3'    181.189 
VAL 'L-peptide linking' y VALINE          ? 'C5 H11 N O2'    117.146 
# 
loop_
_pdbx_poly_seq_scheme.asym_id 
_pdbx_poly_seq_scheme.entity_id 
_pdbx_poly_seq_scheme.seq_id 
_pdbx_poly_seq_scheme.mon_id 
_pdbx_poly_seq_scheme.ndb_seq_num 
_pdbx_poly_seq_scheme.pdb_seq_num 
_pdbx_poly_seq_scheme.auth_seq_num 
_pdbx_poly_seq_scheme.pdb_mon_id 
_pdbx_poly_seq_scheme.auth_mon_id 
_pdbx_poly_seq_scheme.pdb_strand_id 
_pdbx_poly_seq_scheme.pdb_ins_code 
_pdbx_poly_seq_scheme.hetero 
A 1 1  MET 1  1  ?  ?   ?   A . n 
A 1 2  LEU 2  2  ?  ?   ?   A . n 
A 1 3  SER 3  3  ?  ?   ?   A . n 
A 1 4  GLU 4  4  ?  ?   ?   A . n 
A 1 5  ARG 5  5  ?  ?   ?   A . n 
A 1 6  ALA 6  6  ?  ?   ?   A . n 
A 1 7  HIS 7  7  ?  ?   ?   A . n 
A 1 8  HIS 8  8  ?  ?   ?   A . n 
A 1 9  ARG 9  9  9  ARG ARG A . n 
A 1 10 SER 10 10 10 SER SER A . n 
A 1 11 LEU 11 11 11 LEU LEU A . n 
A 1 12 LEU 12 12 12 LEU LEU A . n 
A 1 13 THR 13 13 13 THR THR A . n 
A 1 14 GLY 14 14 14 GLY GLY A . n 
A 1 15 ARG 15 15 15 ARG ARG A . n 
A 1 16 GLU 16 16 16 GLU GLU A . n 
A 1 17 ARG 17 17 17 ARG ARG A . n 
A 1 18 GLU 18 18 18 GLU GLU A . n 
A 1 19 ILE 19 19 19 ILE ILE A . n 
A 1 20 PHE 20 20 20 PHE PHE A . n 
A 1 21 GLN 21 21 21 GLN GLN A . n 
A 1 22 LEU 22 22 22 LEU LEU A . n 
A 1 23 LEU 23 23 23 LEU LEU A . n 
A 1 24 VAL 24 24 24 VAL VAL A . n 
A 1 25 ARG 25 25 25 ARG ARG A . n 
A 1 26 ASP 26 26 26 ASP ASP A . n 
A 1 27 TYR 27 27 27 TYR TYR A . n 
A 1 28 SER 28 28 28 SER SER A . n 
A 1 29 THR 29 29 29 THR THR A . n 
A 1 30 LYS 30 30 30 LYS LYS A . n 
A 1 31 ASP 31 31 31 ASP ASP A . n 
A 1 32 ILE 32 32 32 ILE ILE A . n 
A 1 33 SER 33 33 33 SER SER A . n 
A 1 34 ILE 34 34 34 ILE ILE A . n 
A 1 35 GLN 35 35 35 GLN GLN A . n 
A 1 36 LEU 36 36 36 LEU LEU A . n 
A 1 37 LYS 37 37 37 LYS LYS A . n 
A 1 38 ILE 38 38 38 ILE ILE A . n 
A 1 39 SER 39 39 39 SER SER A . n 
A 1 40 GLU 40 40 40 GLU GLU A . n 
A 1 41 LYS 41 41 41 LYS LYS A . n 
A 1 42 THR 42 42 42 THR THR A . n 
A 1 43 VAL 43 43 43 VAL VAL A . n 
A 1 44 ARG 44 44 44 ARG ARG A . n 
A 1 45 ASN 45 45 45 ASN ASN A . n 
A 1 46 HIS 46 46 46 HIS HIS A . n 
A 1 47 ILE 47 47 47 ILE ILE A . n 
A 1 48 SER 48 48 48 SER SER A . n 
A 1 49 ASN 49 49 49 ASN ASN A . n 
A 1 50 THR 50 50 50 THR THR A . n 
A 1 51 ILE 51 51 51 ILE ILE A . n 
A 1 52 GLN 52 52 52 GLN GLN A . n 
A 1 53 LYS 53 53 53 LYS LYS A . n 
A 1 54 LEU 54 54 54 LEU LEU A . n 
A 1 55 GLY 55 55 55 GLY GLY A . n 
A 1 56 VAL 56 56 56 VAL VAL A . n 
A 1 57 SER 57 57 57 SER SER A . n 
A 1 58 GLY 58 58 58 GLY GLY A . n 
A 1 59 ARG 59 59 59 ARG ARG A . n 
A 1 60 SER 60 60 60 SER SER A . n 
A 1 61 GLN 61 61 61 GLN GLN A . n 
A 1 62 ALA 62 62 62 ALA ALA A . n 
A 1 63 ILE 63 63 63 ILE ILE A . n 
A 1 64 LEU 64 64 64 LEU LEU A . n 
A 1 65 GLU 65 65 65 GLU GLU A . n 
A 1 66 LEU 66 66 66 LEU LEU A . n 
A 1 67 LEU 67 67 67 LEU LEU A . n 
A 1 68 ARG 68 68 68 ARG ARG A . n 
A 1 69 LEU 69 69 69 LEU LEU A . n 
A 1 70 GLY 70 70 70 GLY GLY A . n 
A 1 71 GLU 71 71 71 GLU GLU A . n 
A 1 72 LEU 72 72 72 LEU LEU A . n 
A 1 73 SER 73 73 73 SER SER A . n 
A 1 74 LEU 74 74 74 LEU LEU A . n 
A 1 75 ASP 75 75 75 ASP ASP A . n 
# 
loop_
_pdbx_nonpoly_scheme.asym_id 
_pdbx_nonpoly_scheme.entity_id 
_pdbx_nonpoly_scheme.mon_id 
_pdbx_nonpoly_scheme.ndb_seq_num 
_pdbx_nonpoly_scheme.pdb_seq_num 
_pdbx_nonpoly_scheme.auth_seq_num 
_pdbx_nonpoly_scheme.pdb_mon_id 
_pdbx_nonpoly_scheme.auth_mon_id 
_pdbx_nonpoly_scheme.pdb_strand_id 
_pdbx_nonpoly_scheme.pdb_ins_code 
B 2 HOH 1  101 40 HOH HOH A . 
B 2 HOH 2  102 4  HOH HOH A . 
B 2 HOH 3  103 11 HOH HOH A . 
B 2 HOH 4  104 36 HOH HOH A . 
B 2 HOH 5  105 35 HOH HOH A . 
B 2 HOH 6  106 39 HOH HOH A . 
B 2 HOH 7  107 18 HOH HOH A . 
B 2 HOH 8  108 9  HOH HOH A . 
B 2 HOH 9  109 2  HOH HOH A . 
B 2 HOH 10 110 16 HOH HOH A . 
B 2 HOH 11 111 15 HOH HOH A . 
B 2 HOH 12 112 31 HOH HOH A . 
B 2 HOH 13 113 14 HOH HOH A . 
B 2 HOH 14 114 3  HOH HOH A . 
B 2 HOH 15 115 32 HOH HOH A . 
B 2 HOH 16 116 6  HOH HOH A . 
B 2 HOH 17 117 33 HOH HOH A . 
B 2 HOH 18 118 37 HOH HOH A . 
B 2 HOH 19 119 28 HOH HOH A . 
B 2 HOH 20 120 20 HOH HOH A . 
B 2 HOH 21 121 17 HOH HOH A . 
B 2 HOH 22 122 34 HOH HOH A . 
B 2 HOH 23 123 19 HOH HOH A . 
B 2 HOH 24 124 10 HOH HOH A . 
B 2 HOH 25 125 1  HOH HOH A . 
B 2 HOH 26 126 5  HOH HOH A . 
B 2 HOH 27 127 38 HOH HOH A . 
B 2 HOH 28 128 12 HOH HOH A . 
B 2 HOH 29 129 7  HOH HOH A . 
B 2 HOH 30 130 13 HOH HOH A . 
B 2 HOH 31 131 26 HOH HOH A . 
B 2 HOH 32 132 8  HOH HOH A . 
B 2 HOH 33 133 30 HOH HOH A . 
B 2 HOH 34 134 23 HOH HOH A . 
B 2 HOH 35 135 21 HOH HOH A . 
B 2 HOH 36 136 29 HOH HOH A . 
B 2 HOH 37 137 27 HOH HOH A . 
B 2 HOH 38 138 25 HOH HOH A . 
B 2 HOH 39 139 24 HOH HOH A . 
B 2 HOH 40 140 22 HOH HOH A . 
# 
loop_
_software.citation_id 
_software.classification 
_software.compiler_name 
_software.compiler_version 
_software.contact_author 
_software.contact_author_email 
_software.date 
_software.description 
_software.dependencies 
_software.hardware 
_software.language 
_software.location 
_software.mods 
_software.name 
_software.os 
_software.os_version 
_software.type 
_software.version 
_software.pdbx_ordinal 
? refinement        ? ? ? ? ? ? ? ? ? ? ? REFMAC   ? ? ? 5.8.0238 1 
? 'data reduction'  ? ? ? ? ? ? ? ? ? ? ? HKL-2000 ? ? ? .        2 
? 'data scaling'    ? ? ? ? ? ? ? ? ? ? ? HKL-2000 ? ? ? .        3 
? 'data collection' ? ? ? ? ? ? ? ? ? ? ? MxDC     ? ? ? .        4 
# 
_cell.angle_alpha                  90.00 
_cell.angle_alpha_esd              ? 
_cell.angle_beta                   90.00 
_cell.angle_beta_esd               ? 
_cell.angle_gamma                  120.00 
_cell.angle_gamma_esd              ? 
_cell.entry_id                     6JQS 
_cell.details                      ? 
_cell.formula_units_Z              ? 
_cell.length_a                     63.769 
_cell.length_a_esd                 ? 
_cell.length_b                     63.769 
_cell.length_b_esd                 ? 
_cell.length_c                     45.407 
_cell.length_c_esd                 ? 
_cell.volume                       ? 
_cell.volume_esd                   ? 
_cell.Z_PDB                        6 
_cell.reciprocal_angle_alpha       ? 
_cell.reciprocal_angle_beta        ? 
_cell.reciprocal_angle_gamma       ? 
_cell.reciprocal_angle_alpha_esd   ? 
_cell.reciprocal_angle_beta_esd    ? 
_cell.reciprocal_angle_gamma_esd   ? 
_cell.reciprocal_length_a          ? 
_cell.reciprocal_length_b          ? 
_cell.reciprocal_length_c          ? 
_cell.reciprocal_length_a_esd      ? 
_cell.reciprocal_length_b_esd      ? 
_cell.reciprocal_length_c_esd      ? 
_cell.pdbx_unique_axis             ? 
# 
_symmetry.entry_id                         6JQS 
_symmetry.cell_setting                     ? 
_symmetry.Int_Tables_number                172 
_symmetry.space_group_name_Hall            ? 
_symmetry.space_group_name_H-M             'P 64' 
_symmetry.pdbx_full_space_group_name_H-M   ? 
# 
_exptl.absorpt_coefficient_mu     ? 
_exptl.absorpt_correction_T_max   ? 
_exptl.absorpt_correction_T_min   ? 
_exptl.absorpt_correction_type    ? 
_exptl.absorpt_process_details    ? 
_exptl.entry_id                   6JQS 
_exptl.crystals_number            1 
_exptl.details                    ? 
_exptl.method                     'X-RAY DIFFRACTION' 
_exptl.method_details             ? 
# 
_exptl_crystal.colour                      ? 
_exptl_crystal.density_diffrn              ? 
_exptl_crystal.density_Matthews            3.09 
_exptl_crystal.density_method              ? 
_exptl_crystal.density_percent_sol         60.18 
_exptl_crystal.description                 ? 
_exptl_crystal.F_000                       ? 
_exptl_crystal.id                          1 
_exptl_crystal.preparation                 ? 
_exptl_crystal.size_max                    ? 
_exptl_crystal.size_mid                    ? 
_exptl_crystal.size_min                    ? 
_exptl_crystal.size_rad                    ? 
_exptl_crystal.colour_lustre               ? 
_exptl_crystal.colour_modifier             ? 
_exptl_crystal.colour_primary              ? 
_exptl_crystal.density_meas                ? 
_exptl_crystal.density_meas_esd            ? 
_exptl_crystal.density_meas_gt             ? 
_exptl_crystal.density_meas_lt             ? 
_exptl_crystal.density_meas_temp           ? 
_exptl_crystal.density_meas_temp_esd       ? 
_exptl_crystal.density_meas_temp_gt        ? 
_exptl_crystal.density_meas_temp_lt        ? 
_exptl_crystal.pdbx_crystal_image_url      ? 
_exptl_crystal.pdbx_crystal_image_format   ? 
_exptl_crystal.pdbx_mosaicity              ? 
_exptl_crystal.pdbx_mosaicity_esd          ? 
# 
_exptl_crystal_grow.apparatus       ? 
_exptl_crystal_grow.atmosphere      ? 
_exptl_crystal_grow.crystal_id      1 
_exptl_crystal_grow.details         ? 
_exptl_crystal_grow.method          'VAPOR DIFFUSION, HANGING DROP' 
_exptl_crystal_grow.method_ref      ? 
_exptl_crystal_grow.pH              ? 
_exptl_crystal_grow.pressure        ? 
_exptl_crystal_grow.pressure_esd    ? 
_exptl_crystal_grow.seeding         ? 
_exptl_crystal_grow.seeding_ref     ? 
_exptl_crystal_grow.temp            293 
_exptl_crystal_grow.temp_details    ? 
_exptl_crystal_grow.temp_esd        ? 
_exptl_crystal_grow.time            ? 
_exptl_crystal_grow.pdbx_details    '0.18 M sodium chloride and 18% (w/v) PEG 3350' 
_exptl_crystal_grow.pdbx_pH_range   ? 
# 
_diffrn.ambient_environment              ? 
_diffrn.ambient_temp                     200 
_diffrn.ambient_temp_details             ? 
_diffrn.ambient_temp_esd                 ? 
_diffrn.crystal_id                       1 
_diffrn.crystal_support                  ? 
_diffrn.crystal_treatment                ? 
_diffrn.details                          ? 
_diffrn.id                               1 
_diffrn.ambient_pressure                 ? 
_diffrn.ambient_pressure_esd             ? 
_diffrn.ambient_pressure_gt              ? 
_diffrn.ambient_pressure_lt              ? 
_diffrn.ambient_temp_gt                  ? 
_diffrn.ambient_temp_lt                  ? 
_diffrn.pdbx_serial_crystal_experiment   N 
# 
_diffrn_detector.details                      ? 
_diffrn_detector.detector                     CCD 
_diffrn_detector.diffrn_id                    1 
_diffrn_detector.type                         'ADSC QUANTUM 270' 
_diffrn_detector.area_resol_mean              ? 
_diffrn_detector.dtime                        ? 
_diffrn_detector.pdbx_frames_total            ? 
_diffrn_detector.pdbx_collection_time_total   ? 
_diffrn_detector.pdbx_collection_date         2015-10-14 
_diffrn_detector.pdbx_frequency               ? 
# 
_diffrn_radiation.collimation                      ? 
_diffrn_radiation.diffrn_id                        1 
_diffrn_radiation.filter_edge                      ? 
_diffrn_radiation.inhomogeneity                    ? 
_diffrn_radiation.monochromator                    ? 
_diffrn_radiation.polarisn_norm                    ? 
_diffrn_radiation.polarisn_ratio                   ? 
_diffrn_radiation.probe                            ? 
_diffrn_radiation.type                             ? 
_diffrn_radiation.xray_symbol                      ? 
_diffrn_radiation.wavelength_id                    1 
_diffrn_radiation.pdbx_monochromatic_or_laue_m_l   M 
_diffrn_radiation.pdbx_wavelength_list             ? 
_diffrn_radiation.pdbx_wavelength                  ? 
_diffrn_radiation.pdbx_diffrn_protocol             'SINGLE WAVELENGTH' 
_diffrn_radiation.pdbx_analyzer                    ? 
_diffrn_radiation.pdbx_scattering_type             x-ray 
# 
_diffrn_radiation_wavelength.id           1 
_diffrn_radiation_wavelength.wavelength   0.97934 
_diffrn_radiation_wavelength.wt           1.0 
# 
_diffrn_source.current                     ? 
_diffrn_source.details                     ? 
_diffrn_source.diffrn_id                   1 
_diffrn_source.power                       ? 
_diffrn_source.size                        ? 
_diffrn_source.source                      SYNCHROTRON 
_diffrn_source.target                      ? 
_diffrn_source.type                        'PAL/PLS BEAMLINE 7A (6B, 6C1)' 
_diffrn_source.voltage                     ? 
_diffrn_source.take-off_angle              ? 
_diffrn_source.pdbx_wavelength_list        0.97934 
_diffrn_source.pdbx_wavelength             ? 
_diffrn_source.pdbx_synchrotron_beamline   '7A (6B, 6C1)' 
_diffrn_source.pdbx_synchrotron_site       PAL/PLS 
# 
_reflns.B_iso_Wilson_estimate            ? 
_reflns.entry_id                         6JQS 
_reflns.data_reduction_details           ? 
_reflns.data_reduction_method            ? 
_reflns.d_resolution_high                2.01 
_reflns.d_resolution_low                 40.00 
_reflns.details                          ? 
_reflns.limit_h_max                      ? 
_reflns.limit_h_min                      ? 
_reflns.limit_k_max                      ? 
_reflns.limit_k_min                      ? 
_reflns.limit_l_max                      ? 
_reflns.limit_l_min                      ? 
_reflns.number_all                       ? 
_reflns.number_obs                       ? 
_reflns.observed_criterion               ? 
_reflns.observed_criterion_F_max         ? 
_reflns.observed_criterion_F_min         ? 
_reflns.observed_criterion_I_max         ? 
_reflns.observed_criterion_I_min         ? 
_reflns.observed_criterion_sigma_F       ? 
_reflns.observed_criterion_sigma_I       ? 
_reflns.percent_possible_obs             99.6 
_reflns.R_free_details                   ? 
_reflns.Rmerge_F_all                     ? 
_reflns.Rmerge_F_obs                     ? 
_reflns.Friedel_coverage                 ? 
_reflns.number_gt                        ? 
_reflns.threshold_expression             ? 
_reflns.pdbx_redundancy                  7.1 
_reflns.pdbx_Rmerge_I_obs                ? 
_reflns.pdbx_Rmerge_I_all                ? 
_reflns.pdbx_Rsym_value                  ? 
_reflns.pdbx_netI_over_av_sigmaI         ? 
_reflns.pdbx_netI_over_sigmaI            35.3 
_reflns.pdbx_res_netI_over_av_sigmaI_2   ? 
_reflns.pdbx_res_netI_over_sigmaI_2      ? 
_reflns.pdbx_chi_squared                 ? 
_reflns.pdbx_scaling_rejects             ? 
_reflns.pdbx_d_res_high_opt              ? 
_reflns.pdbx_d_res_low_opt               ? 
_reflns.pdbx_d_res_opt_method            ? 
_reflns.phase_calculation_details        ? 
_reflns.pdbx_Rrim_I_all                  ? 
_reflns.pdbx_Rpim_I_all                  ? 
_reflns.pdbx_d_opt                       ? 
_reflns.pdbx_number_measured_all         ? 
_reflns.pdbx_diffrn_id                   1 
_reflns.pdbx_ordinal                     1 
_reflns.pdbx_CC_half                     ? 
_reflns.pdbx_R_split                     ? 
# 
_reflns_shell.d_res_high                  2.01 
_reflns_shell.d_res_low                   2.04 
_reflns_shell.meanI_over_sigI_all         ? 
_reflns_shell.meanI_over_sigI_obs         ? 
_reflns_shell.number_measured_all         ? 
_reflns_shell.number_measured_obs         ? 
_reflns_shell.number_possible             ? 
_reflns_shell.number_unique_all           ? 
_reflns_shell.number_unique_obs           ? 
_reflns_shell.percent_possible_all        ? 
_reflns_shell.percent_possible_obs        ? 
_reflns_shell.Rmerge_F_all                ? 
_reflns_shell.Rmerge_F_obs                ? 
_reflns_shell.Rmerge_I_all                ? 
_reflns_shell.Rmerge_I_obs                ? 
_reflns_shell.meanI_over_sigI_gt          ? 
_reflns_shell.meanI_over_uI_all           ? 
_reflns_shell.meanI_over_uI_gt            ? 
_reflns_shell.number_measured_gt          ? 
_reflns_shell.number_unique_gt            ? 
_reflns_shell.percent_possible_gt         ? 
_reflns_shell.Rmerge_F_gt                 ? 
_reflns_shell.Rmerge_I_gt                 ? 
_reflns_shell.pdbx_redundancy             ? 
_reflns_shell.pdbx_Rsym_value             ? 
_reflns_shell.pdbx_chi_squared            ? 
_reflns_shell.pdbx_netI_over_sigmaI_all   ? 
_reflns_shell.pdbx_netI_over_sigmaI_obs   ? 
_reflns_shell.pdbx_Rrim_I_all             ? 
_reflns_shell.pdbx_Rpim_I_all             ? 
_reflns_shell.pdbx_rejects                ? 
_reflns_shell.pdbx_ordinal                1 
_reflns_shell.pdbx_diffrn_id              1 
_reflns_shell.pdbx_CC_half                ? 
_reflns_shell.pdbx_R_split                ? 
# 
_refine.aniso_B[1][1]                            -0.00 
_refine.aniso_B[1][2]                            -0.00 
_refine.aniso_B[1][3]                            -0.00 
_refine.aniso_B[2][2]                            -0.00 
_refine.aniso_B[2][3]                            0.00 
_refine.aniso_B[3][3]                            0.01 
_refine.B_iso_max                                ? 
_refine.B_iso_mean                               39.678 
_refine.B_iso_min                                ? 
_refine.correlation_coeff_Fo_to_Fc               0.948 
_refine.correlation_coeff_Fo_to_Fc_free          0.917 
_refine.details                                  'HYDROGENS HAVE BEEN ADDED IN THE RIDING POSITIONS' 
_refine.diff_density_max                         ? 
_refine.diff_density_max_esd                     ? 
_refine.diff_density_min                         ? 
_refine.diff_density_min_esd                     ? 
_refine.diff_density_rms                         ? 
_refine.diff_density_rms_esd                     ? 
_refine.entry_id                                 6JQS 
_refine.pdbx_refine_id                           'X-RAY DIFFRACTION' 
_refine.ls_abs_structure_details                 ? 
_refine.ls_abs_structure_Flack                   ? 
_refine.ls_abs_structure_Flack_esd               ? 
_refine.ls_abs_structure_Rogers                  ? 
_refine.ls_abs_structure_Rogers_esd              ? 
_refine.ls_d_res_high                            2.09 
_refine.ls_d_res_low                             21.00 
_refine.ls_extinction_coef                       ? 
_refine.ls_extinction_coef_esd                   ? 
_refine.ls_extinction_expression                 ? 
_refine.ls_extinction_method                     ? 
_refine.ls_goodness_of_fit_all                   ? 
_refine.ls_goodness_of_fit_all_esd               ? 
_refine.ls_goodness_of_fit_obs                   ? 
_refine.ls_goodness_of_fit_obs_esd               ? 
_refine.ls_hydrogen_treatment                    ? 
_refine.ls_matrix_type                           ? 
_refine.ls_number_constraints                    ? 
_refine.ls_number_parameters                     ? 
_refine.ls_number_reflns_all                     ? 
_refine.ls_number_reflns_obs                     5881 
_refine.ls_number_reflns_R_free                  285 
_refine.ls_number_reflns_R_work                  ? 
_refine.ls_number_restraints                     ? 
_refine.ls_percent_reflns_obs                    96.78 
_refine.ls_percent_reflns_R_free                 4.6 
_refine.ls_R_factor_all                          ? 
_refine.ls_R_factor_obs                          0.20562 
_refine.ls_R_factor_R_free                       0.25069 
_refine.ls_R_factor_R_free_error                 ? 
_refine.ls_R_factor_R_free_error_details         ? 
_refine.ls_R_factor_R_work                       0.20331 
_refine.ls_R_Fsqd_factor_obs                     ? 
_refine.ls_R_I_factor_obs                        ? 
_refine.ls_redundancy_reflns_all                 ? 
_refine.ls_redundancy_reflns_obs                 ? 
_refine.ls_restrained_S_all                      ? 
_refine.ls_restrained_S_obs                      ? 
_refine.ls_shift_over_esd_max                    ? 
_refine.ls_shift_over_esd_mean                   ? 
_refine.ls_structure_factor_coef                 ? 
_refine.ls_weighting_details                     ? 
_refine.ls_weighting_scheme                      ? 
_refine.ls_wR_factor_all                         ? 
_refine.ls_wR_factor_obs                         ? 
_refine.ls_wR_factor_R_free                      ? 
_refine.ls_wR_factor_R_work                      ? 
_refine.occupancy_max                            ? 
_refine.occupancy_min                            ? 
_refine.solvent_model_details                    MASK 
_refine.solvent_model_param_bsol                 ? 
_refine.solvent_model_param_ksol                 ? 
_refine.ls_R_factor_gt                           ? 
_refine.ls_goodness_of_fit_gt                    ? 
_refine.ls_goodness_of_fit_ref                   ? 
_refine.ls_shift_over_su_max                     ? 
_refine.ls_shift_over_su_max_lt                  ? 
_refine.ls_shift_over_su_mean                    ? 
_refine.ls_shift_over_su_mean_lt                 ? 
_refine.pdbx_ls_sigma_I                          ? 
_refine.pdbx_ls_sigma_F                          ? 
_refine.pdbx_ls_sigma_Fsqd                       ? 
_refine.pdbx_data_cutoff_high_absF               ? 
_refine.pdbx_data_cutoff_high_rms_absF           ? 
_refine.pdbx_data_cutoff_low_absF                ? 
_refine.pdbx_isotropic_thermal_model             ? 
_refine.pdbx_ls_cross_valid_method               THROUGHOUT 
_refine.pdbx_method_to_determine_struct          ? 
_refine.pdbx_starting_model                      ? 
_refine.pdbx_stereochemistry_target_values       'MAXIMUM LIKELIHOOD' 
_refine.pdbx_R_Free_selection_details            RANDOM 
_refine.pdbx_stereochem_target_val_spec_case     ? 
_refine.pdbx_overall_ESU_R                       0.175 
_refine.pdbx_overall_ESU_R_Free                  0.168 
_refine.pdbx_solvent_vdw_probe_radii             1.20 
_refine.pdbx_solvent_ion_probe_radii             0.80 
_refine.pdbx_solvent_shrinkage_radii             0.80 
_refine.pdbx_real_space_R                        ? 
_refine.pdbx_density_correlation                 ? 
_refine.pdbx_pd_number_of_powder_patterns        ? 
_refine.pdbx_pd_number_of_points                 ? 
_refine.pdbx_pd_meas_number_of_points            ? 
_refine.pdbx_pd_proc_ls_prof_R_factor            ? 
_refine.pdbx_pd_proc_ls_prof_wR_factor           ? 
_refine.pdbx_pd_Marquardt_correlation_coeff      ? 
_refine.pdbx_pd_Fsqrd_R_factor                   ? 
_refine.pdbx_pd_ls_matrix_band_width             ? 
_refine.pdbx_overall_phase_error                 ? 
_refine.pdbx_overall_SU_R_free_Cruickshank_DPI   ? 
_refine.pdbx_overall_SU_R_free_Blow_DPI          ? 
_refine.pdbx_overall_SU_R_Blow_DPI               ? 
_refine.pdbx_TLS_residual_ADP_flag               ? 
_refine.pdbx_diffrn_id                           1 
_refine.overall_SU_B                             4.359 
_refine.overall_SU_ML                            0.117 
_refine.overall_SU_R_Cruickshank_DPI             ? 
_refine.overall_SU_R_free                        ? 
_refine.overall_FOM_free_R_set                   ? 
_refine.overall_FOM_work_R_set                   ? 
_refine.pdbx_average_fsc_overall                 ? 
_refine.pdbx_average_fsc_work                    ? 
_refine.pdbx_average_fsc_free                    ? 
# 
_refine_hist.pdbx_refine_id                   'X-RAY DIFFRACTION' 
_refine_hist.cycle_id                         1 
_refine_hist.pdbx_number_atoms_protein        537 
_refine_hist.pdbx_number_atoms_nucleic_acid   0 
_refine_hist.pdbx_number_atoms_ligand         0 
_refine_hist.number_atoms_solvent             40 
_refine_hist.number_atoms_total               577 
_refine_hist.d_res_high                       2.09 
_refine_hist.d_res_low                        21.00 
# 
loop_
_refine_ls_restr.pdbx_refine_id 
_refine_ls_restr.criterion 
_refine_ls_restr.dev_ideal 
_refine_ls_restr.dev_ideal_target 
_refine_ls_restr.number 
_refine_ls_restr.rejects 
_refine_ls_restr.type 
_refine_ls_restr.weight 
_refine_ls_restr.pdbx_restraint_function 
'X-RAY DIFFRACTION' ? 0.012  0.013  539  ? r_bond_refined_d             ? ? 
'X-RAY DIFFRACTION' ? 0.001  0.017  551  ? r_bond_other_d               ? ? 
'X-RAY DIFFRACTION' ? 1.808  1.635  721  ? r_angle_refined_deg          ? ? 
'X-RAY DIFFRACTION' ? 1.357  1.584  1271 ? r_angle_other_deg            ? ? 
'X-RAY DIFFRACTION' ? 6.314  5.000  66   ? r_dihedral_angle_1_deg       ? ? 
'X-RAY DIFFRACTION' ? 33.235 20.000 31   ? r_dihedral_angle_2_deg       ? ? 
'X-RAY DIFFRACTION' ? 15.796 15.000 116  ? r_dihedral_angle_3_deg       ? ? 
'X-RAY DIFFRACTION' ? 24.184 15.000 7    ? r_dihedral_angle_4_deg       ? ? 
'X-RAY DIFFRACTION' ? 0.079  0.200  74   ? r_chiral_restr               ? ? 
'X-RAY DIFFRACTION' ? 0.010  0.020  581  ? r_gen_planes_refined         ? ? 
'X-RAY DIFFRACTION' ? 0.001  0.020  112  ? r_gen_planes_other           ? ? 
'X-RAY DIFFRACTION' ? ?      ?      ?    ? r_nbd_refined                ? ? 
'X-RAY DIFFRACTION' ? ?      ?      ?    ? r_nbd_other                  ? ? 
'X-RAY DIFFRACTION' ? ?      ?      ?    ? r_nbtor_refined              ? ? 
'X-RAY DIFFRACTION' ? ?      ?      ?    ? r_nbtor_other                ? ? 
'X-RAY DIFFRACTION' ? ?      ?      ?    ? r_xyhbond_nbd_refined        ? ? 
'X-RAY DIFFRACTION' ? ?      ?      ?    ? r_xyhbond_nbd_other          ? ? 
'X-RAY DIFFRACTION' ? ?      ?      ?    ? r_metal_ion_refined          ? ? 
'X-RAY DIFFRACTION' ? ?      ?      ?    ? r_metal_ion_other            ? ? 
'X-RAY DIFFRACTION' ? ?      ?      ?    ? r_symmetry_vdw_refined       ? ? 
'X-RAY DIFFRACTION' ? ?      ?      ?    ? r_symmetry_vdw_other         ? ? 
'X-RAY DIFFRACTION' ? ?      ?      ?    ? r_symmetry_hbond_refined     ? ? 
'X-RAY DIFFRACTION' ? ?      ?      ?    ? r_symmetry_hbond_other       ? ? 
'X-RAY DIFFRACTION' ? ?      ?      ?    ? r_symmetry_metal_ion_refined ? ? 
'X-RAY DIFFRACTION' ? ?      ?      ?    ? r_symmetry_metal_ion_other   ? ? 
'X-RAY DIFFRACTION' ? 3.900  3.846  267  ? r_mcbond_it                  ? ? 
'X-RAY DIFFRACTION' ? 3.907  3.839  266  ? r_mcbond_other               ? ? 
'X-RAY DIFFRACTION' ? 4.419  5.745  332  ? r_mcangle_it                 ? ? 
'X-RAY DIFFRACTION' ? 4.416  5.751  333  ? r_mcangle_other              ? ? 
'X-RAY DIFFRACTION' ? 4.933  4.478  272  ? r_scbond_it                  ? ? 
'X-RAY DIFFRACTION' ? 4.838  4.472  270  ? r_scbond_other               ? ? 
'X-RAY DIFFRACTION' ? ?      ?      ?    ? r_scangle_it                 ? ? 
'X-RAY DIFFRACTION' ? 6.924  6.480  389  ? r_scangle_other              ? ? 
'X-RAY DIFFRACTION' ? 7.898  45.327 584  ? r_long_range_B_refined       ? ? 
'X-RAY DIFFRACTION' ? 7.887  45.258 582  ? r_long_range_B_other         ? ? 
'X-RAY DIFFRACTION' ? ?      ?      ?    ? r_rigid_bond_restr           ? ? 
'X-RAY DIFFRACTION' ? ?      ?      ?    ? r_sphericity_free            ? ? 
'X-RAY DIFFRACTION' ? ?      ?      ?    ? r_sphericity_bonded          ? ? 
# 
_refine_ls_shell.pdbx_refine_id                   'X-RAY DIFFRACTION' 
_refine_ls_shell.d_res_high                       2.085 
_refine_ls_shell.d_res_low                        2.139 
_refine_ls_shell.number_reflns_all                ? 
_refine_ls_shell.number_reflns_obs                ? 
_refine_ls_shell.number_reflns_R_free             29 
_refine_ls_shell.number_reflns_R_work             427 
_refine_ls_shell.percent_reflns_obs               98.06 
_refine_ls_shell.percent_reflns_R_free            ? 
_refine_ls_shell.R_factor_all                     ? 
_refine_ls_shell.R_factor_obs                     ? 
_refine_ls_shell.R_factor_R_free                  0.320 
_refine_ls_shell.R_factor_R_free_error            ? 
_refine_ls_shell.R_factor_R_work                  0.182 
_refine_ls_shell.redundancy_reflns_all            ? 
_refine_ls_shell.redundancy_reflns_obs            ? 
_refine_ls_shell.wR_factor_all                    ? 
_refine_ls_shell.wR_factor_obs                    ? 
_refine_ls_shell.wR_factor_R_free                 ? 
_refine_ls_shell.wR_factor_R_work                 ? 
_refine_ls_shell.pdbx_total_number_of_bins_used   20 
_refine_ls_shell.pdbx_phase_error                 ? 
_refine_ls_shell.pdbx_fsc_work                    ? 
_refine_ls_shell.pdbx_fsc_free                    ? 
# 
_struct.entry_id                     6JQS 
_struct.title                        'Structure of Transcription factor, GerE' 
_struct.pdbx_model_details           ? 
_struct.pdbx_formula_weight          ? 
_struct.pdbx_formula_weight_method   ? 
_struct.pdbx_model_type_details      ? 
_struct.pdbx_CASP_flag               N 
# 
_struct_keywords.entry_id        6JQS 
_struct_keywords.text            'GerE, spore, DNA BINDING PROTEIN' 
_struct_keywords.pdbx_keywords   'DNA BINDING PROTEIN' 
# 
loop_
_struct_asym.id 
_struct_asym.pdbx_blank_PDB_chainid_flag 
_struct_asym.pdbx_modified 
_struct_asym.entity_id 
_struct_asym.details 
A N N 1 ? 
B N N 2 ? 
# 
_struct_ref.id                         1 
_struct_ref.db_name                    PDB 
_struct_ref.db_code                    6JQS 
_struct_ref.pdbx_db_accession          6JQS 
_struct_ref.pdbx_db_isoform            ? 
_struct_ref.entity_id                  1 
_struct_ref.pdbx_seq_one_letter_code   ? 
_struct_ref.pdbx_align_begin           1 
# 
_struct_ref_seq.align_id                      1 
_struct_ref_seq.ref_id                        1 
_struct_ref_seq.pdbx_PDB_id_code              6JQS 
_struct_ref_seq.pdbx_strand_id                A 
_struct_ref_seq.seq_align_beg                 1 
_struct_ref_seq.pdbx_seq_align_beg_ins_code   ? 
_struct_ref_seq.seq_align_end                 75 
_struct_ref_seq.pdbx_seq_align_end_ins_code   ? 
_struct_ref_seq.pdbx_db_accession             6JQS 
_struct_ref_seq.db_align_beg                  1 
_struct_ref_seq.pdbx_db_align_beg_ins_code    ? 
_struct_ref_seq.db_align_end                  75 
_struct_ref_seq.pdbx_db_align_end_ins_code    ? 
_struct_ref_seq.pdbx_auth_seq_align_beg       1 
_struct_ref_seq.pdbx_auth_seq_align_end       75 
# 
_pdbx_struct_assembly.id                   1 
_pdbx_struct_assembly.details              author_defined_assembly 
_pdbx_struct_assembly.method_details       ? 
_pdbx_struct_assembly.oligomeric_details   monomeric 
_pdbx_struct_assembly.oligomeric_count     1 
# 
_pdbx_struct_assembly_gen.assembly_id       1 
_pdbx_struct_assembly_gen.oper_expression   1 
_pdbx_struct_assembly_gen.asym_id_list      A,B 
# 
_pdbx_struct_assembly_auth_evidence.id                     1 
_pdbx_struct_assembly_auth_evidence.assembly_id            1 
_pdbx_struct_assembly_auth_evidence.experimental_support   'gel filtration' 
_pdbx_struct_assembly_auth_evidence.details                ? 
# 
_pdbx_struct_oper_list.id                   1 
_pdbx_struct_oper_list.type                 'identity operation' 
_pdbx_struct_oper_list.name                 1_555 
_pdbx_struct_oper_list.symmetry_operation   x,y,z 
_pdbx_struct_oper_list.matrix[1][1]         1.0000000000 
_pdbx_struct_oper_list.matrix[1][2]         0.0000000000 
_pdbx_struct_oper_list.matrix[1][3]         0.0000000000 
_pdbx_struct_oper_list.vector[1]            0.0000000000 
_pdbx_struct_oper_list.matrix[2][1]         0.0000000000 
_pdbx_struct_oper_list.matrix[2][2]         1.0000000000 
_pdbx_struct_oper_list.matrix[2][3]         0.0000000000 
_pdbx_struct_oper_list.vector[2]            0.0000000000 
_pdbx_struct_oper_list.matrix[3][1]         0.0000000000 
_pdbx_struct_oper_list.matrix[3][2]         0.0000000000 
_pdbx_struct_oper_list.matrix[3][3]         1.0000000000 
_pdbx_struct_oper_list.vector[3]            0.0000000000 
# 
loop_
_struct_conf.conf_type_id 
_struct_conf.id 
_struct_conf.pdbx_PDB_helix_id 
_struct_conf.beg_label_comp_id 
_struct_conf.beg_label_asym_id 
_struct_conf.beg_label_seq_id 
_struct_conf.pdbx_beg_PDB_ins_code 
_struct_conf.end_label_comp_id 
_struct_conf.end_label_asym_id 
_struct_conf.end_label_seq_id 
_struct_conf.pdbx_end_PDB_ins_code 
_struct_conf.beg_auth_comp_id 
_struct_conf.beg_auth_asym_id 
_struct_conf.beg_auth_seq_id 
_struct_conf.end_auth_comp_id 
_struct_conf.end_auth_asym_id 
_struct_conf.end_auth_seq_id 
_struct_conf.pdbx_PDB_helix_class 
_struct_conf.details 
_struct_conf.pdbx_PDB_helix_length 
HELX_P HELX_P1 AA1 THR A 13 ? ARG A 25 ? THR A 13 ARG A 25 1 ? 13 
HELX_P HELX_P2 AA2 SER A 28 ? LYS A 37 ? SER A 28 LYS A 37 1 ? 10 
HELX_P HELX_P3 AA3 SER A 39 ? GLY A 55 ? SER A 39 GLY A 55 1 ? 17 
HELX_P HELX_P4 AA4 GLY A 58 ? LEU A 69 ? GLY A 58 LEU A 69 1 ? 12 
# 
_struct_conf_type.id          HELX_P 
_struct_conf_type.criteria    ? 
_struct_conf_type.reference   ? 
# 
_pdbx_struct_special_symmetry.id              1 
_pdbx_struct_special_symmetry.PDB_model_num   1 
_pdbx_struct_special_symmetry.auth_asym_id    A 
_pdbx_struct_special_symmetry.auth_comp_id    HOH 
_pdbx_struct_special_symmetry.auth_seq_id     126 
_pdbx_struct_special_symmetry.PDB_ins_code    ? 
_pdbx_struct_special_symmetry.label_asym_id   B 
_pdbx_struct_special_symmetry.label_comp_id   HOH 
_pdbx_struct_special_symmetry.label_seq_id    . 
# 
loop_
_pdbx_unobs_or_zero_occ_residues.id 
_pdbx_unobs_or_zero_occ_residues.PDB_model_num 
_pdbx_unobs_or_zero_occ_residues.polymer_flag 
_pdbx_unobs_or_zero_occ_residues.occupancy_flag 
_pdbx_unobs_or_zero_occ_residues.auth_asym_id 
_pdbx_unobs_or_zero_occ_residues.auth_comp_id 
_pdbx_unobs_or_zero_occ_residues.auth_seq_id 
_pdbx_unobs_or_zero_occ_residues.PDB_ins_code 
_pdbx_unobs_or_zero_occ_residues.label_asym_id 
_pdbx_unobs_or_zero_occ_residues.label_comp_id 
_pdbx_unobs_or_zero_occ_residues.label_seq_id 
1 1 Y 1 A MET 1 ? A MET 1 
2 1 Y 1 A LEU 2 ? A LEU 2 
3 1 Y 1 A SER 3 ? A SER 3 
4 1 Y 1 A GLU 4 ? A GLU 4 
5 1 Y 1 A ARG 5 ? A ARG 5 
6 1 Y 1 A ALA 6 ? A ALA 6 
7 1 Y 1 A HIS 7 ? A HIS 7 
8 1 Y 1 A HIS 8 ? A HIS 8 
# 
loop_
_chem_comp_atom.comp_id 
_chem_comp_atom.atom_id 
_chem_comp_atom.type_symbol 
_chem_comp_atom.pdbx_aromatic_flag 
_chem_comp_atom.pdbx_stereo_config 
_chem_comp_atom.pdbx_ordinal 
ALA N    N N N 1   
ALA CA   C N S 2   
ALA C    C N N 3   
ALA O    O N N 4   
ALA CB   C N N 5   
ALA OXT  O N N 6   
ALA H    H N N 7   
ALA H2   H N N 8   
ALA HA   H N N 9   
ALA HB1  H N N 10  
ALA HB2  H N N 11  
ALA HB3  H N N 12  
ALA HXT  H N N 13  
ARG N    N N N 14  
ARG CA   C N S 15  
ARG C    C N N 16  
ARG O    O N N 17  
ARG CB   C N N 18  
ARG CG   C N N 19  
ARG CD   C N N 20  
ARG NE   N N N 21  
ARG CZ   C N N 22  
ARG NH1  N N N 23  
ARG NH2  N N N 24  
ARG OXT  O N N 25  
ARG H    H N N 26  
ARG H2   H N N 27  
ARG HA   H N N 28  
ARG HB2  H N N 29  
ARG HB3  H N N 30  
ARG HG2  H N N 31  
ARG HG3  H N N 32  
ARG HD2  H N N 33  
ARG HD3  H N N 34  
ARG HE   H N N 35  
ARG HH11 H N N 36  
ARG HH12 H N N 37  
ARG HH21 H N N 38  
ARG HH22 H N N 39  
ARG HXT  H N N 40  
ASN N    N N N 41  
ASN CA   C N S 42  
ASN C    C N N 43  
ASN O    O N N 44  
ASN CB   C N N 45  
ASN CG   C N N 46  
ASN OD1  O N N 47  
ASN ND2  N N N 48  
ASN OXT  O N N 49  
ASN H    H N N 50  
ASN H2   H N N 51  
ASN HA   H N N 52  
ASN HB2  H N N 53  
ASN HB3  H N N 54  
ASN HD21 H N N 55  
ASN HD22 H N N 56  
ASN HXT  H N N 57  
ASP N    N N N 58  
ASP CA   C N S 59  
ASP C    C N N 60  
ASP O    O N N 61  
ASP CB   C N N 62  
ASP CG   C N N 63  
ASP OD1  O N N 64  
ASP OD2  O N N 65  
ASP OXT  O N N 66  
ASP H    H N N 67  
ASP H2   H N N 68  
ASP HA   H N N 69  
ASP HB2  H N N 70  
ASP HB3  H N N 71  
ASP HD2  H N N 72  
ASP HXT  H N N 73  
GLN N    N N N 74  
GLN CA   C N S 75  
GLN C    C N N 76  
GLN O    O N N 77  
GLN CB   C N N 78  
GLN CG   C N N 79  
GLN CD   C N N 80  
GLN OE1  O N N 81  
GLN NE2  N N N 82  
GLN OXT  O N N 83  
GLN H    H N N 84  
GLN H2   H N N 85  
GLN HA   H N N 86  
GLN HB2  H N N 87  
GLN HB3  H N N 88  
GLN HG2  H N N 89  
GLN HG3  H N N 90  
GLN HE21 H N N 91  
GLN HE22 H N N 92  
GLN HXT  H N N 93  
GLU N    N N N 94  
GLU CA   C N S 95  
GLU C    C N N 96  
GLU O    O N N 97  
GLU CB   C N N 98  
GLU CG   C N N 99  
GLU CD   C N N 100 
GLU OE1  O N N 101 
GLU OE2  O N N 102 
GLU OXT  O N N 103 
GLU H    H N N 104 
GLU H2   H N N 105 
GLU HA   H N N 106 
GLU HB2  H N N 107 
GLU HB3  H N N 108 
GLU HG2  H N N 109 
GLU HG3  H N N 110 
GLU HE2  H N N 111 
GLU HXT  H N N 112 
GLY N    N N N 113 
GLY CA   C N N 114 
GLY C    C N N 115 
GLY O    O N N 116 
GLY OXT  O N N 117 
GLY H    H N N 118 
GLY H2   H N N 119 
GLY HA2  H N N 120 
GLY HA3  H N N 121 
GLY HXT  H N N 122 
HIS N    N N N 123 
HIS CA   C N S 124 
HIS C    C N N 125 
HIS O    O N N 126 
HIS CB   C N N 127 
HIS CG   C Y N 128 
HIS ND1  N Y N 129 
HIS CD2  C Y N 130 
HIS CE1  C Y N 131 
HIS NE2  N Y N 132 
HIS OXT  O N N 133 
HIS H    H N N 134 
HIS H2   H N N 135 
HIS HA   H N N 136 
HIS HB2  H N N 137 
HIS HB3  H N N 138 
HIS HD1  H N N 139 
HIS HD2  H N N 140 
HIS HE1  H N N 141 
HIS HE2  H N N 142 
HIS HXT  H N N 143 
HOH O    O N N 144 
HOH H1   H N N 145 
HOH H2   H N N 146 
ILE N    N N N 147 
ILE CA   C N S 148 
ILE C    C N N 149 
ILE O    O N N 150 
ILE CB   C N S 151 
ILE CG1  C N N 152 
ILE CG2  C N N 153 
ILE CD1  C N N 154 
ILE OXT  O N N 155 
ILE H    H N N 156 
ILE H2   H N N 157 
ILE HA   H N N 158 
ILE HB   H N N 159 
ILE HG12 H N N 160 
ILE HG13 H N N 161 
ILE HG21 H N N 162 
ILE HG22 H N N 163 
ILE HG23 H N N 164 
ILE HD11 H N N 165 
ILE HD12 H N N 166 
ILE HD13 H N N 167 
ILE HXT  H N N 168 
LEU N    N N N 169 
LEU CA   C N S 170 
LEU C    C N N 171 
LEU O    O N N 172 
LEU CB   C N N 173 
LEU CG   C N N 174 
LEU CD1  C N N 175 
LEU CD2  C N N 176 
LEU OXT  O N N 177 
LEU H    H N N 178 
LEU H2   H N N 179 
LEU HA   H N N 180 
LEU HB2  H N N 181 
LEU HB3  H N N 182 
LEU HG   H N N 183 
LEU HD11 H N N 184 
LEU HD12 H N N 185 
LEU HD13 H N N 186 
LEU HD21 H N N 187 
LEU HD22 H N N 188 
LEU HD23 H N N 189 
LEU HXT  H N N 190 
LYS N    N N N 191 
LYS CA   C N S 192 
LYS C    C N N 193 
LYS O    O N N 194 
LYS CB   C N N 195 
LYS CG   C N N 196 
LYS CD   C N N 197 
LYS CE   C N N 198 
LYS NZ   N N N 199 
LYS OXT  O N N 200 
LYS H    H N N 201 
LYS H2   H N N 202 
LYS HA   H N N 203 
LYS HB2  H N N 204 
LYS HB3  H N N 205 
LYS HG2  H N N 206 
LYS HG3  H N N 207 
LYS HD2  H N N 208 
LYS HD3  H N N 209 
LYS HE2  H N N 210 
LYS HE3  H N N 211 
LYS HZ1  H N N 212 
LYS HZ2  H N N 213 
LYS HZ3  H N N 214 
LYS HXT  H N N 215 
MET N    N N N 216 
MET CA   C N S 217 
MET C    C N N 218 
MET O    O N N 219 
MET CB   C N N 220 
MET CG   C N N 221 
MET SD   S N N 222 
MET CE   C N N 223 
MET OXT  O N N 224 
MET H    H N N 225 
MET H2   H N N 226 
MET HA   H N N 227 
MET HB2  H N N 228 
MET HB3  H N N 229 
MET HG2  H N N 230 
MET HG3  H N N 231 
MET HE1  H N N 232 
MET HE2  H N N 233 
MET HE3  H N N 234 
MET HXT  H N N 235 
PHE N    N N N 236 
PHE CA   C N S 237 
PHE C    C N N 238 
PHE O    O N N 239 
PHE CB   C N N 240 
PHE CG   C Y N 241 
PHE CD1  C Y N 242 
PHE CD2  C Y N 243 
PHE CE1  C Y N 244 
PHE CE2  C Y N 245 
PHE CZ   C Y N 246 
PHE OXT  O N N 247 
PHE H    H N N 248 
PHE H2   H N N 249 
PHE HA   H N N 250 
PHE HB2  H N N 251 
PHE HB3  H N N 252 
PHE HD1  H N N 253 
PHE HD2  H N N 254 
PHE HE1  H N N 255 
PHE HE2  H N N 256 
PHE HZ   H N N 257 
PHE HXT  H N N 258 
SER N    N N N 259 
SER CA   C N S 260 
SER C    C N N 261 
SER O    O N N 262 
SER CB   C N N 263 
SER OG   O N N 264 
SER OXT  O N N 265 
SER H    H N N 266 
SER H2   H N N 267 
SER HA   H N N 268 
SER HB2  H N N 269 
SER HB3  H N N 270 
SER HG   H N N 271 
SER HXT  H N N 272 
THR N    N N N 273 
THR CA   C N S 274 
THR C    C N N 275 
THR O    O N N 276 
THR CB   C N R 277 
THR OG1  O N N 278 
THR CG2  C N N 279 
THR OXT  O N N 280 
THR H    H N N 281 
THR H2   H N N 282 
THR HA   H N N 283 
THR HB   H N N 284 
THR HG1  H N N 285 
THR HG21 H N N 286 
THR HG22 H N N 287 
THR HG23 H N N 288 
THR HXT  H N N 289 
TYR N    N N N 290 
TYR CA   C N S 291 
TYR C    C N N 292 
TYR O    O N N 293 
TYR CB   C N N 294 
TYR CG   C Y N 295 
TYR CD1  C Y N 296 
TYR CD2  C Y N 297 
TYR CE1  C Y N 298 
TYR CE2  C Y N 299 
TYR CZ   C Y N 300 
TYR OH   O N N 301 
TYR OXT  O N N 302 
TYR H    H N N 303 
TYR H2   H N N 304 
TYR HA   H N N 305 
TYR HB2  H N N 306 
TYR HB3  H N N 307 
TYR HD1  H N N 308 
TYR HD2  H N N 309 
TYR HE1  H N N 310 
TYR HE2  H N N 311 
TYR HH   H N N 312 
TYR HXT  H N N 313 
VAL N    N N N 314 
VAL CA   C N S 315 
VAL C    C N N 316 
VAL O    O N N 317 
VAL CB   C N N 318 
VAL CG1  C N N 319 
VAL CG2  C N N 320 
VAL OXT  O N N 321 
VAL H    H N N 322 
VAL H2   H N N 323 
VAL HA   H N N 324 
VAL HB   H N N 325 
VAL HG11 H N N 326 
VAL HG12 H N N 327 
VAL HG13 H N N 328 
VAL HG21 H N N 329 
VAL HG22 H N N 330 
VAL HG23 H N N 331 
VAL HXT  H N N 332 
# 
loop_
_chem_comp_bond.comp_id 
_chem_comp_bond.atom_id_1 
_chem_comp_bond.atom_id_2 
_chem_comp_bond.value_order 
_chem_comp_bond.pdbx_aromatic_flag 
_chem_comp_bond.pdbx_stereo_config 
_chem_comp_bond.pdbx_ordinal 
ALA N   CA   sing N N 1   
ALA N   H    sing N N 2   
ALA N   H2   sing N N 3   
ALA CA  C    sing N N 4   
ALA CA  CB   sing N N 5   
ALA CA  HA   sing N N 6   
ALA C   O    doub N N 7   
ALA C   OXT  sing N N 8   
ALA CB  HB1  sing N N 9   
ALA CB  HB2  sing N N 10  
ALA CB  HB3  sing N N 11  
ALA OXT HXT  sing N N 12  
ARG N   CA   sing N N 13  
ARG N   H    sing N N 14  
ARG N   H2   sing N N 15  
ARG CA  C    sing N N 16  
ARG CA  CB   sing N N 17  
ARG CA  HA   sing N N 18  
ARG C   O    doub N N 19  
ARG C   OXT  sing N N 20  
ARG CB  CG   sing N N 21  
ARG CB  HB2  sing N N 22  
ARG CB  HB3  sing N N 23  
ARG CG  CD   sing N N 24  
ARG CG  HG2  sing N N 25  
ARG CG  HG3  sing N N 26  
ARG CD  NE   sing N N 27  
ARG CD  HD2  sing N N 28  
ARG CD  HD3  sing N N 29  
ARG NE  CZ   sing N N 30  
ARG NE  HE   sing N N 31  
ARG CZ  NH1  sing N N 32  
ARG CZ  NH2  doub N N 33  
ARG NH1 HH11 sing N N 34  
ARG NH1 HH12 sing N N 35  
ARG NH2 HH21 sing N N 36  
ARG NH2 HH22 sing N N 37  
ARG OXT HXT  sing N N 38  
ASN N   CA   sing N N 39  
ASN N   H    sing N N 40  
ASN N   H2   sing N N 41  
ASN CA  C    sing N N 42  
ASN CA  CB   sing N N 43  
ASN CA  HA   sing N N 44  
ASN C   O    doub N N 45  
ASN C   OXT  sing N N 46  
ASN CB  CG   sing N N 47  
ASN CB  HB2  sing N N 48  
ASN CB  HB3  sing N N 49  
ASN CG  OD1  doub N N 50  
ASN CG  ND2  sing N N 51  
ASN ND2 HD21 sing N N 52  
ASN ND2 HD22 sing N N 53  
ASN OXT HXT  sing N N 54  
ASP N   CA   sing N N 55  
ASP N   H    sing N N 56  
ASP N   H2   sing N N 57  
ASP CA  C    sing N N 58  
ASP CA  CB   sing N N 59  
ASP CA  HA   sing N N 60  
ASP C   O    doub N N 61  
ASP C   OXT  sing N N 62  
ASP CB  CG   sing N N 63  
ASP CB  HB2  sing N N 64  
ASP CB  HB3  sing N N 65  
ASP CG  OD1  doub N N 66  
ASP CG  OD2  sing N N 67  
ASP OD2 HD2  sing N N 68  
ASP OXT HXT  sing N N 69  
GLN N   CA   sing N N 70  
GLN N   H    sing N N 71  
GLN N   H2   sing N N 72  
GLN CA  C    sing N N 73  
GLN CA  CB   sing N N 74  
GLN CA  HA   sing N N 75  
GLN C   O    doub N N 76  
GLN C   OXT  sing N N 77  
GLN CB  CG   sing N N 78  
GLN CB  HB2  sing N N 79  
GLN CB  HB3  sing N N 80  
GLN CG  CD   sing N N 81  
GLN CG  HG2  sing N N 82  
GLN CG  HG3  sing N N 83  
GLN CD  OE1  doub N N 84  
GLN CD  NE2  sing N N 85  
GLN NE2 HE21 sing N N 86  
GLN NE2 HE22 sing N N 87  
GLN OXT HXT  sing N N 88  
GLU N   CA   sing N N 89  
GLU N   H    sing N N 90  
GLU N   H2   sing N N 91  
GLU CA  C    sing N N 92  
GLU CA  CB   sing N N 93  
GLU CA  HA   sing N N 94  
GLU C   O    doub N N 95  
GLU C   OXT  sing N N 96  
GLU CB  CG   sing N N 97  
GLU CB  HB2  sing N N 98  
GLU CB  HB3  sing N N 99  
GLU CG  CD   sing N N 100 
GLU CG  HG2  sing N N 101 
GLU CG  HG3  sing N N 102 
GLU CD  OE1  doub N N 103 
GLU CD  OE2  sing N N 104 
GLU OE2 HE2  sing N N 105 
GLU OXT HXT  sing N N 106 
GLY N   CA   sing N N 107 
GLY N   H    sing N N 108 
GLY N   H2   sing N N 109 
GLY CA  C    sing N N 110 
GLY CA  HA2  sing N N 111 
GLY CA  HA3  sing N N 112 
GLY C   O    doub N N 113 
GLY C   OXT  sing N N 114 
GLY OXT HXT  sing N N 115 
HIS N   CA   sing N N 116 
HIS N   H    sing N N 117 
HIS N   H2   sing N N 118 
HIS CA  C    sing N N 119 
HIS CA  CB   sing N N 120 
HIS CA  HA   sing N N 121 
HIS C   O    doub N N 122 
HIS C   OXT  sing N N 123 
HIS CB  CG   sing N N 124 
HIS CB  HB2  sing N N 125 
HIS CB  HB3  sing N N 126 
HIS CG  ND1  sing Y N 127 
HIS CG  CD2  doub Y N 128 
HIS ND1 CE1  doub Y N 129 
HIS ND1 HD1  sing N N 130 
HIS CD2 NE2  sing Y N 131 
HIS CD2 HD2  sing N N 132 
HIS CE1 NE2  sing Y N 133 
HIS CE1 HE1  sing N N 134 
HIS NE2 HE2  sing N N 135 
HIS OXT HXT  sing N N 136 
HOH O   H1   sing N N 137 
HOH O   H2   sing N N 138 
ILE N   CA   sing N N 139 
ILE N   H    sing N N 140 
ILE N   H2   sing N N 141 
ILE CA  C    sing N N 142 
ILE CA  CB   sing N N 143 
ILE CA  HA   sing N N 144 
ILE C   O    doub N N 145 
ILE C   OXT  sing N N 146 
ILE CB  CG1  sing N N 147 
ILE CB  CG2  sing N N 148 
ILE CB  HB   sing N N 149 
ILE CG1 CD1  sing N N 150 
ILE CG1 HG12 sing N N 151 
ILE CG1 HG13 sing N N 152 
ILE CG2 HG21 sing N N 153 
ILE CG2 HG22 sing N N 154 
ILE CG2 HG23 sing N N 155 
ILE CD1 HD11 sing N N 156 
ILE CD1 HD12 sing N N 157 
ILE CD1 HD13 sing N N 158 
ILE OXT HXT  sing N N 159 
LEU N   CA   sing N N 160 
LEU N   H    sing N N 161 
LEU N   H2   sing N N 162 
LEU CA  C    sing N N 163 
LEU CA  CB   sing N N 164 
LEU CA  HA   sing N N 165 
LEU C   O    doub N N 166 
LEU C   OXT  sing N N 167 
LEU CB  CG   sing N N 168 
LEU CB  HB2  sing N N 169 
LEU CB  HB3  sing N N 170 
LEU CG  CD1  sing N N 171 
LEU CG  CD2  sing N N 172 
LEU CG  HG   sing N N 173 
LEU CD1 HD11 sing N N 174 
LEU CD1 HD12 sing N N 175 
LEU CD1 HD13 sing N N 176 
LEU CD2 HD21 sing N N 177 
LEU CD2 HD22 sing N N 178 
LEU CD2 HD23 sing N N 179 
LEU OXT HXT  sing N N 180 
LYS N   CA   sing N N 181 
LYS N   H    sing N N 182 
LYS N   H2   sing N N 183 
LYS CA  C    sing N N 184 
LYS CA  CB   sing N N 185 
LYS CA  HA   sing N N 186 
LYS C   O    doub N N 187 
LYS C   OXT  sing N N 188 
LYS CB  CG   sing N N 189 
LYS CB  HB2  sing N N 190 
LYS CB  HB3  sing N N 191 
LYS CG  CD   sing N N 192 
LYS CG  HG2  sing N N 193 
LYS CG  HG3  sing N N 194 
LYS CD  CE   sing N N 195 
LYS CD  HD2  sing N N 196 
LYS CD  HD3  sing N N 197 
LYS CE  NZ   sing N N 198 
LYS CE  HE2  sing N N 199 
LYS CE  HE3  sing N N 200 
LYS NZ  HZ1  sing N N 201 
LYS NZ  HZ2  sing N N 202 
LYS NZ  HZ3  sing N N 203 
LYS OXT HXT  sing N N 204 
MET N   CA   sing N N 205 
MET N   H    sing N N 206 
MET N   H2   sing N N 207 
MET CA  C    sing N N 208 
MET CA  CB   sing N N 209 
MET CA  HA   sing N N 210 
MET C   O    doub N N 211 
MET C   OXT  sing N N 212 
MET CB  CG   sing N N 213 
MET CB  HB2  sing N N 214 
MET CB  HB3  sing N N 215 
MET CG  SD   sing N N 216 
MET CG  HG2  sing N N 217 
MET CG  HG3  sing N N 218 
MET SD  CE   sing N N 219 
MET CE  HE1  sing N N 220 
MET CE  HE2  sing N N 221 
MET CE  HE3  sing N N 222 
MET OXT HXT  sing N N 223 
PHE N   CA   sing N N 224 
PHE N   H    sing N N 225 
PHE N   H2   sing N N 226 
PHE CA  C    sing N N 227 
PHE CA  CB   sing N N 228 
PHE CA  HA   sing N N 229 
PHE C   O    doub N N 230 
PHE C   OXT  sing N N 231 
PHE CB  CG   sing N N 232 
PHE CB  HB2  sing N N 233 
PHE CB  HB3  sing N N 234 
PHE CG  CD1  doub Y N 235 
PHE CG  CD2  sing Y N 236 
PHE CD1 CE1  sing Y N 237 
PHE CD1 HD1  sing N N 238 
PHE CD2 CE2  doub Y N 239 
PHE CD2 HD2  sing N N 240 
PHE CE1 CZ   doub Y N 241 
PHE CE1 HE1  sing N N 242 
PHE CE2 CZ   sing Y N 243 
PHE CE2 HE2  sing N N 244 
PHE CZ  HZ   sing N N 245 
PHE OXT HXT  sing N N 246 
SER N   CA   sing N N 247 
SER N   H    sing N N 248 
SER N   H2   sing N N 249 
SER CA  C    sing N N 250 
SER CA  CB   sing N N 251 
SER CA  HA   sing N N 252 
SER C   O    doub N N 253 
SER C   OXT  sing N N 254 
SER CB  OG   sing N N 255 
SER CB  HB2  sing N N 256 
SER CB  HB3  sing N N 257 
SER OG  HG   sing N N 258 
SER OXT HXT  sing N N 259 
THR N   CA   sing N N 260 
THR N   H    sing N N 261 
THR N   H2   sing N N 262 
THR CA  C    sing N N 263 
THR CA  CB   sing N N 264 
THR CA  HA   sing N N 265 
THR C   O    doub N N 266 
THR C   OXT  sing N N 267 
THR CB  OG1  sing N N 268 
THR CB  CG2  sing N N 269 
THR CB  HB   sing N N 270 
THR OG1 HG1  sing N N 271 
THR CG2 HG21 sing N N 272 
THR CG2 HG22 sing N N 273 
THR CG2 HG23 sing N N 274 
THR OXT HXT  sing N N 275 
TYR N   CA   sing N N 276 
TYR N   H    sing N N 277 
TYR N   H2   sing N N 278 
TYR CA  C    sing N N 279 
TYR CA  CB   sing N N 280 
TYR CA  HA   sing N N 281 
TYR C   O    doub N N 282 
TYR C   OXT  sing N N 283 
TYR CB  CG   sing N N 284 
TYR CB  HB2  sing N N 285 
TYR CB  HB3  sing N N 286 
TYR CG  CD1  doub Y N 287 
TYR CG  CD2  sing Y N 288 
TYR CD1 CE1  sing Y N 289 
TYR CD1 HD1  sing N N 290 
TYR CD2 CE2  doub Y N 291 
TYR CD2 HD2  sing N N 292 
TYR CE1 CZ   doub Y N 293 
TYR CE1 HE1  sing N N 294 
TYR CE2 CZ   sing Y N 295 
TYR CE2 HE2  sing N N 296 
TYR CZ  OH   sing N N 297 
TYR OH  HH   sing N N 298 
TYR OXT HXT  sing N N 299 
VAL N   CA   sing N N 300 
VAL N   H    sing N N 301 
VAL N   H2   sing N N 302 
VAL CA  C    sing N N 303 
VAL CA  CB   sing N N 304 
VAL CA  HA   sing N N 305 
VAL C   O    doub N N 306 
VAL C   OXT  sing N N 307 
VAL CB  CG1  sing N N 308 
VAL CB  CG2  sing N N 309 
VAL CB  HB   sing N N 310 
VAL CG1 HG11 sing N N 311 
VAL CG1 HG12 sing N N 312 
VAL CG1 HG13 sing N N 313 
VAL CG2 HG21 sing N N 314 
VAL CG2 HG22 sing N N 315 
VAL CG2 HG23 sing N N 316 
VAL OXT HXT  sing N N 317 
# 
_atom_sites.entry_id                    6JQS 
_atom_sites.fract_transf_matrix[1][1]   -0.01568203 
_atom_sites.fract_transf_matrix[1][2]   -0.00255543 
_atom_sites.fract_transf_matrix[1][3]   0.00868583 
_atom_sites.fract_transf_matrix[2][1]   -0.01553469 
_atom_sites.fract_transf_matrix[2][2]   -0.00041857 
_atom_sites.fract_transf_matrix[2][3]   -0.00929505 
_atom_sites.fract_transf_matrix[3][1]   0.00212408 
_atom_sites.fract_transf_matrix[3][2]   -0.02176919 
_atom_sites.fract_transf_matrix[3][3]   -0.00256966 
_atom_sites.fract_transf_vector[1]      0.517925 
_atom_sites.fract_transf_vector[2]      0.684262 
_atom_sites.fract_transf_vector[3]      -0.005791 
# 
loop_
_atom_type.symbol 
C 
N 
O 
# 
loop_
_atom_site.group_PDB 
_atom_site.id 
_atom_site.type_symbol 
_atom_site.label_atom_id 
_atom_site.label_alt_id 
_atom_site.label_comp_id 
_atom_site.label_asym_id 
_atom_site.label_entity_id 
_atom_site.label_seq_id 
_atom_site.pdbx_PDB_ins_code 
_atom_site.Cartn_x 
_atom_site.Cartn_y 
_atom_site.Cartn_z 
_atom_site.occupancy 
_atom_site.B_iso_or_equiv 
_atom_site.pdbx_formal_charge 
_atom_site.auth_seq_id 
_atom_site.auth_comp_id 
_atom_site.auth_asym_id 
_atom_site.auth_atom_id 
_atom_site.pdbx_PDB_model_num 
ATOM   1   N N   . ARG A 1 9  ? 0.971   15.237  -10.086 1.00 77.99 ? 9   ARG A N   1 
ATOM   2   C CA  . ARG A 1 9  ? 0.895   13.757  -10.315 1.00 73.81 ? 9   ARG A CA  1 
ATOM   3   C C   . ARG A 1 9  ? 1.684   13.028  -9.215  1.00 77.02 ? 9   ARG A C   1 
ATOM   4   O O   . ARG A 1 9  ? 2.717   13.559  -8.767  1.00 68.25 ? 9   ARG A O   1 
ATOM   5   C CB  . ARG A 1 9  ? 1.424   13.400  -11.711 1.00 73.20 ? 9   ARG A CB  1 
ATOM   6   C CG  . ARG A 1 9  ? 0.998   12.027  -12.210 1.00 75.86 ? 9   ARG A CG  1 
ATOM   7   C CD  . ARG A 1 9  ? -0.261  12.064  -13.061 1.00 82.17 ? 9   ARG A CD  1 
ATOM   8   N NE  . ARG A 1 9  ? 0.065   12.041  -14.485 1.00 89.01 ? 9   ARG A NE  1 
ATOM   9   C CZ  . ARG A 1 9  ? -0.218  12.989  -15.386 1.00 86.86 ? 9   ARG A CZ  1 
ATOM   10  N NH1 . ARG A 1 9  ? 0.150   12.810  -16.645 1.00 91.42 ? 9   ARG A NH1 1 
ATOM   11  N NH2 . ARG A 1 9  ? -0.870  14.092  -15.053 1.00 81.88 ? 9   ARG A NH2 1 
ATOM   12  N N   . SER A 1 10 ? 1.219   11.840  -8.817  1.00 74.44 ? 10  SER A N   1 
ATOM   13  C CA  . SER A 1 10 ? 1.772   11.019  -7.707  1.00 69.86 ? 10  SER A CA  1 
ATOM   14  C C   . SER A 1 10 ? 2.694   9.918   -8.264  1.00 68.60 ? 10  SER A C   1 
ATOM   15  O O   . SER A 1 10 ? 2.773   9.775   -9.499  1.00 78.70 ? 10  SER A O   1 
ATOM   16  C CB  . SER A 1 10 ? 0.634   10.465  -6.877  1.00 66.39 ? 10  SER A CB  1 
ATOM   17  O OG  . SER A 1 10 ? 1.108   9.642   -5.824  1.00 65.49 ? 10  SER A OG  1 
ATOM   18  N N   . LEU A 1 11 ? 3.391   9.199   -7.381  1.00 66.70 ? 11  LEU A N   1 
ATOM   19  C CA  . LEU A 1 11 ? 4.266   8.031   -7.697  1.00 67.41 ? 11  LEU A CA  1 
ATOM   20  C C   . LEU A 1 11 ? 3.412   6.759   -7.640  1.00 60.56 ? 11  LEU A C   1 
ATOM   21  O O   . LEU A 1 11 ? 3.814   5.745   -8.227  1.00 63.02 ? 11  LEU A O   1 
ATOM   22  C CB  . LEU A 1 11 ? 5.406   7.979   -6.671  1.00 71.88 ? 11  LEU A CB  1 
ATOM   23  C CG  . LEU A 1 11 ? 6.744   7.403   -7.133  1.00 71.79 ? 11  LEU A CG  1 
ATOM   24  C CD1 . LEU A 1 11 ? 7.156   7.951   -8.494  1.00 71.50 ? 11  LEU A CD1 1 
ATOM   25  C CD2 . LEU A 1 11 ? 7.823   7.678   -6.090  1.00 74.00 ? 11  LEU A CD2 1 
ATOM   26  N N   . LEU A 1 12 ? 2.276   6.838   -6.944  1.00 62.23 ? 12  LEU A N   1 
ATOM   27  C CA  . LEU A 1 12 ? 1.274   5.749   -6.799  1.00 61.64 ? 12  LEU A CA  1 
ATOM   28  C C   . LEU A 1 12 ? -0.016  6.152   -7.501  1.00 59.62 ? 12  LEU A C   1 
ATOM   29  O O   . LEU A 1 12 ? -0.353  7.362   -7.500  1.00 55.87 ? 12  LEU A O   1 
ATOM   30  C CB  . LEU A 1 12 ? 0.893   5.529   -5.334  1.00 62.71 ? 12  LEU A CB  1 
ATOM   31  C CG  . LEU A 1 12 ? 1.995   5.562   -4.290  1.00 61.44 ? 12  LEU A CG  1 
ATOM   32  C CD1 . LEU A 1 12 ? 1.397   5.949   -2.942  1.00 62.95 ? 12  LEU A CD1 1 
ATOM   33  C CD2 . LEU A 1 12 ? 2.675   4.208   -4.225  1.00 57.36 ? 12  LEU A CD2 1 
ATOM   34  N N   . THR A 1 13 ? -0.781  5.149   -7.919  1.00 47.48 ? 13  THR A N   1 
ATOM   35  C CA  . THR A 1 13 ? -2.214  5.287   -8.257  1.00 47.08 ? 13  THR A CA  1 
ATOM   36  C C   . THR A 1 13 ? -2.965  5.480   -6.944  1.00 48.18 ? 13  THR A C   1 
ATOM   37  O O   . THR A 1 13 ? -2.363  5.119   -5.886  1.00 47.17 ? 13  THR A O   1 
ATOM   38  C CB  . THR A 1 13 ? -2.736  4.054   -9.019  1.00 50.59 ? 13  THR A CB  1 
ATOM   39  O OG1 . THR A 1 13 ? -2.898  2.979   -8.090  1.00 46.51 ? 13  THR A OG1 1 
ATOM   40  C CG2 . THR A 1 13 ? -1.803  3.643   -10.138 1.00 52.02 ? 13  THR A CG2 1 
ATOM   41  N N   . GLY A 1 14 ? -4.167  6.065   -7.034  1.00 39.67 ? 14  GLY A N   1 
ATOM   42  C CA  . GLY A 1 14 ? -5.174  6.155   -5.969  1.00 41.56 ? 14  GLY A CA  1 
ATOM   43  C C   . GLY A 1 14 ? -5.389  4.805   -5.301  1.00 45.86 ? 14  GLY A C   1 
ATOM   44  O O   . GLY A 1 14 ? -5.525  4.744   -4.061  1.00 39.98 ? 14  GLY A O   1 
ATOM   45  N N   . ARG A 1 15 ? -5.433  3.726   -6.085  1.00 45.87 ? 15  ARG A N   1 
ATOM   46  C CA  . ARG A 1 15 ? -5.707  2.385   -5.519  1.00 40.85 ? 15  ARG A CA  1 
ATOM   47  C C   . ARG A 1 15 ? -4.541  1.978   -4.620  1.00 31.93 ? 15  ARG A C   1 
ATOM   48  O O   . ARG A 1 15 ? -4.848  1.558   -3.529  1.00 35.61 ? 15  ARG A O   1 
ATOM   49  C CB  . ARG A 1 15 ? -5.967  1.352   -6.616  1.00 48.68 ? 15  ARG A CB  1 
ATOM   50  C CG  . ARG A 1 15 ? -6.155  -0.045  -6.058  1.00 48.21 ? 15  ARG A CG  1 
ATOM   51  C CD  . ARG A 1 15 ? -7.046  -0.882  -6.944  1.00 54.30 ? 15  ARG A CD  1 
ATOM   52  N NE  . ARG A 1 15 ? -8.466  -0.607  -6.733  1.00 49.43 ? 15  ARG A NE  1 
ATOM   53  C CZ  . ARG A 1 15 ? -9.427  -1.039  -7.552  1.00 57.28 ? 15  ARG A CZ  1 
ATOM   54  N NH1 . ARG A 1 15 ? -10.700 -0.747  -7.313  1.00 51.09 ? 15  ARG A NH1 1 
ATOM   55  N NH2 . ARG A 1 15 ? -9.107  -1.745  -8.626  1.00 47.87 ? 15  ARG A NH2 1 
ATOM   56  N N   . GLU A 1 16 ? -3.292  2.054   -5.108  1.00 35.97 ? 16  GLU A N   1 
ATOM   57  C CA  . GLU A 1 16 ? -2.038  1.717   -4.383  1.00 41.24 ? 16  GLU A CA  1 
ATOM   58  C C   . GLU A 1 16 ? -1.986  2.550   -3.093  1.00 38.54 ? 16  GLU A C   1 
ATOM   59  O O   . GLU A 1 16 ? -1.732  1.989   -2.056  1.00 27.94 ? 16  GLU A O   1 
ATOM   60  C CB  . GLU A 1 16 ? -0.805  1.989   -5.250  1.00 40.34 ? 16  GLU A CB  1 
ATOM   61  C CG  . GLU A 1 16 ? -0.455  0.918   -6.304  1.00 48.20 ? 16  GLU A CG  1 
ATOM   62  C CD  . GLU A 1 16 ? 0.640   1.354   -7.293  1.00 54.34 ? 16  GLU A CD  1 
ATOM   63  O OE1 . GLU A 1 16 ? 0.684   2.573   -7.553  1.00 55.12 ? 16  GLU A OE1 1 
ATOM   64  O OE2 . GLU A 1 16 ? 1.524   0.503   -7.738  1.00 50.12 ? 16  GLU A OE2 1 
ATOM   65  N N   . ARG A 1 17 ? -2.252  3.856   -3.159  1.00 34.47 ? 17  ARG A N   1 
ATOM   66  C CA  . ARG A 1 17 ? -2.259  4.718   -1.935  1.00 36.75 ? 17  ARG A CA  1 
ATOM   67  C C   . ARG A 1 17 ? -3.333  4.232   -0.957  1.00 36.22 ? 17  ARG A C   1 
ATOM   68  O O   . ARG A 1 17 ? -3.050  4.129   0.228   1.00 43.01 ? 17  ARG A O   1 
ATOM   69  C CB  . ARG A 1 17 ? -2.504  6.197   -2.279  1.00 44.05 ? 17  ARG A CB  1 
ATOM   70  C CG  . ARG A 1 17 ? -2.500  7.102   -1.049  1.00 44.17 ? 17  ARG A CG  1 
ATOM   71  C CD  . ARG A 1 17 ? -2.849  8.572   -1.314  1.00 51.02 ? 17  ARG A CD  1 
ATOM   72  N NE  . ARG A 1 17 ? -1.959  9.143   -2.312  1.00 48.39 ? 17  ARG A NE  1 
ATOM   73  C CZ  . ARG A 1 17 ? -2.214  9.177   -3.623  1.00 53.10 ? 17  ARG A CZ  1 
ATOM   74  N NH1 . ARG A 1 17 ? -3.340  8.683   -4.107  1.00 53.49 ? 17  ARG A NH1 1 
ATOM   75  N NH2 . ARG A 1 17 ? -1.337  9.697   -4.458  1.00 54.10 ? 17  ARG A NH2 1 
ATOM   76  N N   . GLU A 1 18 ? -4.520  3.864   -1.426  1.00 39.17 ? 18  GLU A N   1 
ATOM   77  C CA  . GLU A 1 18 ? -5.585  3.382   -0.511  1.00 36.74 ? 18  GLU A CA  1 
ATOM   78  C C   . GLU A 1 18 ? -5.168  2.056   0.115   1.00 34.74 ? 18  GLU A C   1 
ATOM   79  O O   . GLU A 1 18 ? -5.550  1.810   1.258   1.00 32.78 ? 18  GLU A O   1 
ATOM   80  C CB  . GLU A 1 18 ? -6.920  3.058   -1.180  1.00 39.23 ? 18  GLU A CB  1 
ATOM   81  C CG  . GLU A 1 18 ? -7.697  4.233   -1.740  1.00 49.56 ? 18  GLU A CG  1 
ATOM   82  C CD  . GLU A 1 18 ? -8.867  3.704   -2.570  1.00 59.66 ? 18  GLU A CD  1 
ATOM   83  O OE1 . GLU A 1 18 ? -8.795  3.764   -3.817  1.00 53.38 ? 18  GLU A OE1 1 
ATOM   84  O OE2 . GLU A 1 18 ? -9.829  3.186   -1.957  1.00 63.80 ? 18  GLU A OE2 1 
ATOM   85  N N   . ILE A 1 19 ? -4.552  1.154   -0.645  1.00 33.89 ? 19  ILE A N   1 
ATOM   86  C CA  . ILE A 1 19 ? -4.074  -0.119  -0.043  1.00 29.56 ? 19  ILE A CA  1 
ATOM   87  C C   . ILE A 1 19 ? -3.080  0.148   1.110   1.00 27.66 ? 19  ILE A C   1 
ATOM   88  O O   . ILE A 1 19 ? -3.189  -0.524  2.180   1.00 34.18 ? 19  ILE A O   1 
ATOM   89  C CB  . ILE A 1 19 ? -3.484  -1.053  -1.108  1.00 31.10 ? 19  ILE A CB  1 
ATOM   90  C CG1 . ILE A 1 19 ? -4.578  -1.590  -2.033  1.00 29.38 ? 19  ILE A CG1 1 
ATOM   91  C CG2 . ILE A 1 19 ? -2.690  -2.157  -0.413  1.00 28.98 ? 19  ILE A CG2 1 
ATOM   92  C CD1 . ILE A 1 19 ? -4.037  -2.183  -3.351  1.00 28.81 ? 19  ILE A CD1 1 
ATOM   93  N N   . PHE A 1 20 ? -2.070  0.975   0.891   1.00 32.06 ? 20  PHE A N   1 
ATOM   94  C CA  . PHE A 1 20 ? -1.027  1.252   1.902   1.00 29.14 ? 20  PHE A CA  1 
ATOM   95  C C   . PHE A 1 20 ? -1.642  2.048   3.072   1.00 34.12 ? 20  PHE A C   1 
ATOM   96  O O   . PHE A 1 20 ? -1.165  1.826   4.199   1.00 32.63 ? 20  PHE A O   1 
ATOM   97  C CB  . PHE A 1 20 ? 0.186   1.944   1.292   1.00 27.28 ? 20  PHE A CB  1 
ATOM   98  C CG  . PHE A 1 20 ? 1.123   0.993   0.598   1.00 25.21 ? 20  PHE A CG  1 
ATOM   99  C CD1 . PHE A 1 20 ? 2.096   0.344   1.321   1.00 27.78 ? 20  PHE A CD1 1 
ATOM   100 C CD2 . PHE A 1 20 ? 0.916   0.597   -0.713  1.00 31.73 ? 20  PHE A CD2 1 
ATOM   101 C CE1 . PHE A 1 20 ? 2.884   -0.646  0.753   1.00 27.90 ? 20  PHE A CE1 1 
ATOM   102 C CE2 . PHE A 1 20 ? 1.739   -0.373  -1.294  1.00 28.62 ? 20  PHE A CE2 1 
ATOM   103 C CZ  . PHE A 1 20 ? 2.709   -0.986  -0.554  1.00 28.16 ? 20  PHE A CZ  1 
ATOM   104 N N   . GLN A 1 21 ? -2.584  2.969   2.840   1.00 33.03 ? 21  GLN A N   1 
ATOM   105 C CA  . GLN A 1 21 ? -3.268  3.666   3.985   1.00 33.72 ? 21  GLN A CA  1 
ATOM   106 C C   . GLN A 1 21 ? -3.979  2.639   4.873   1.00 36.16 ? 21  GLN A C   1 
ATOM   107 O O   . GLN A 1 21 ? -3.979  2.799   6.085   1.00 33.43 ? 21  GLN A O   1 
ATOM   108 C CB  . GLN A 1 21 ? -4.235  4.751   3.491   1.00 33.07 ? 21  GLN A CB  1 
ATOM   109 C CG  . GLN A 1 21 ? -4.692  5.665   4.624   1.00 39.15 ? 21  GLN A CG  1 
ATOM   110 C CD  . GLN A 1 21 ? -3.536  6.397   5.288   1.00 36.69 ? 21  GLN A CD  1 
ATOM   111 O OE1 . GLN A 1 21 ? -2.982  7.348   4.757   1.00 35.75 ? 21  GLN A OE1 1 
ATOM   112 N NE2 . GLN A 1 21 ? -3.058  5.861   6.389   1.00 39.13 ? 21  GLN A NE2 1 
ATOM   113 N N   . LEU A 1 22 ? -4.533  1.561   4.318   1.00 34.76 ? 22  LEU A N   1 
ATOM   114 C CA  . LEU A 1 22 ? -5.150  0.498   5.133   1.00 33.98 ? 22  LEU A CA  1 
ATOM   115 C C   . LEU A 1 22 ? -4.120  -0.386  5.820   1.00 35.27 ? 22  LEU A C   1 
ATOM   116 O O   . LEU A 1 22 ? -4.443  -0.841  6.938   1.00 31.26 ? 22  LEU A O   1 
ATOM   117 C CB  . LEU A 1 22 ? -6.154  -0.330  4.299   1.00 39.18 ? 22  LEU A CB  1 
ATOM   118 C CG  . LEU A 1 22 ? -7.302  0.475   3.679   1.00 43.11 ? 22  LEU A CG  1 
ATOM   119 C CD1 . LEU A 1 22 ? -8.312  -0.448  2.998   1.00 42.48 ? 22  LEU A CD1 1 
ATOM   120 C CD2 . LEU A 1 22 ? -8.028  1.329   4.709   1.00 49.53 ? 22  LEU A CD2 1 
ATOM   121 N N   . LEU A 1 23 ? -2.969  -0.713  5.204   1.00 32.39 ? 23  LEU A N   1 
ATOM   122 C CA  . LEU A 1 23 ? -1.891  -1.405  5.934   1.00 32.52 ? 23  LEU A CA  1 
ATOM   123 C C   . LEU A 1 23 ? -1.475  -0.541  7.136   1.00 29.99 ? 23  LEU A C   1 
ATOM   124 O O   . LEU A 1 23 ? -1.298  -1.033  8.210   1.00 25.30 ? 23  LEU A O   1 
ATOM   125 C CB  . LEU A 1 23 ? -0.710  -1.641  4.997   1.00 36.18 ? 23  LEU A CB  1 
ATOM   126 C CG  . LEU A 1 23 ? -0.943  -2.710  3.929   1.00 35.28 ? 23  LEU A CG  1 
ATOM   127 C CD1 . LEU A 1 23 ? 0.195   -2.669  2.917   1.00 37.07 ? 23  LEU A CD1 1 
ATOM   128 C CD2 . LEU A 1 23 ? -1.066  -4.077  4.564   1.00 39.48 ? 23  LEU A CD2 1 
ATOM   129 N N   . VAL A 1 24 ? -1.315  0.759   6.961   1.00 35.10 ? 24  VAL A N   1 
ATOM   130 C CA  . VAL A 1 24 ? -0.974  1.583   8.166   1.00 31.13 ? 24  VAL A CA  1 
ATOM   131 C C   . VAL A 1 24 ? -1.969  1.266   9.291   1.00 29.11 ? 24  VAL A C   1 
ATOM   132 O O   . VAL A 1 24 ? -1.552  1.202   10.502  1.00 34.02 ? 24  VAL A O   1 
ATOM   133 C CB  . VAL A 1 24 ? -0.974  3.063   7.758   1.00 32.93 ? 24  VAL A CB  1 
ATOM   134 C CG1 . VAL A 1 24 ? -1.015  3.952   8.974   1.00 29.13 ? 24  VAL A CG1 1 
ATOM   135 C CG2 . VAL A 1 24 ? 0.227   3.346   6.895   1.00 34.14 ? 24  VAL A CG2 1 
ATOM   136 N N   . ARG A 1 25 ? -3.255  1.061   8.957   1.00 35.12 ? 25  ARG A N   1 
ATOM   137 C CA  . ARG A 1 25 ? -4.340  0.839   9.947   1.00 34.01 ? 25  ARG A CA  1 
ATOM   138 C C   . ARG A 1 25 ? -4.447  -0.636  10.345  1.00 37.89 ? 25  ARG A C   1 
ATOM   139 O O   . ARG A 1 25 ? -5.441  -0.991  10.950  1.00 48.06 ? 25  ARG A O   1 
ATOM   140 C CB  . ARG A 1 25 ? -5.669  1.342   9.384   1.00 41.50 ? 25  ARG A CB  1 
ATOM   141 C CG  . ARG A 1 25 ? -5.683  2.843   9.196   1.00 35.23 ? 25  ARG A CG  1 
ATOM   142 C CD  . ARG A 1 25 ? -6.995  3.383   8.744   1.00 43.67 ? 25  ARG A CD  1 
ATOM   143 N NE  . ARG A 1 25 ? -6.692  4.737   8.309   1.00 45.06 ? 25  ARG A NE  1 
ATOM   144 C CZ  . ARG A 1 25 ? -7.218  5.344   7.260   1.00 50.33 ? 25  ARG A CZ  1 
ATOM   145 N NH1 . ARG A 1 25 ? -8.109  4.735   6.504   1.00 55.46 ? 25  ARG A NH1 1 
ATOM   146 N NH2 . ARG A 1 25 ? -6.818  6.571   6.956   1.00 50.59 ? 25  ARG A NH2 1 
ATOM   147 N N   . ASP A 1 26 ? -3.445  -1.444  10.063  1.00 37.28 ? 26  ASP A N   1 
ATOM   148 C CA  . ASP A 1 26 ? -3.297  -2.839  10.549  1.00 37.63 ? 26  ASP A CA  1 
ATOM   149 C C   . ASP A 1 26 ? -4.355  -3.748  9.904   1.00 39.05 ? 26  ASP A C   1 
ATOM   150 O O   . ASP A 1 26 ? -4.630  -4.796  10.498  1.00 41.60 ? 26  ASP A O   1 
ATOM   151 C CB  . ASP A 1 26 ? -3.250  -2.925  12.085  1.00 36.89 ? 26  ASP A CB  1 
ATOM   152 C CG  . ASP A 1 26 ? -2.642  -4.214  12.644  1.00 47.54 ? 26  ASP A CG  1 
ATOM   153 O OD1 . ASP A 1 26 ? -1.790  -4.865  11.945  1.00 43.26 ? 26  ASP A OD1 1 
ATOM   154 O OD2 . ASP A 1 26 ? -3.039  -4.597  13.766  1.00 52.87 ? 26  ASP A OD2 1 
ATOM   155 N N   . TYR A 1 27 ? -4.858  -3.412  8.711   1.00 39.51 ? 27  TYR A N   1 
ATOM   156 C CA  . TYR A 1 27 ? -5.731  -4.312  7.894   1.00 44.10 ? 27  TYR A CA  1 
ATOM   157 C C   . TYR A 1 27 ? -4.864  -5.421  7.303   1.00 40.71 ? 27  TYR A C   1 
ATOM   158 O O   . TYR A 1 27 ? -3.735  -5.156  6.883   1.00 42.65 ? 27  TYR A O   1 
ATOM   159 C CB  . TYR A 1 27 ? -6.426  -3.579  6.756   1.00 45.97 ? 27  TYR A CB  1 
ATOM   160 C CG  . TYR A 1 27 ? -7.627  -2.771  7.155   1.00 53.16 ? 27  TYR A CG  1 
ATOM   161 C CD1 . TYR A 1 27 ? -7.495  -1.668  7.979   1.00 49.69 ? 27  TYR A CD1 1 
ATOM   162 C CD2 . TYR A 1 27 ? -8.887  -3.064  6.655   1.00 63.09 ? 27  TYR A CD2 1 
ATOM   163 C CE1 . TYR A 1 27 ? -8.589  -0.905  8.346   1.00 51.05 ? 27  TYR A CE1 1 
ATOM   164 C CE2 . TYR A 1 27 ? -9.993  -2.301  7.000   1.00 57.79 ? 27  TYR A CE2 1 
ATOM   165 C CZ  . TYR A 1 27 ? -9.841  -1.227  7.862   1.00 64.25 ? 27  TYR A CZ  1 
ATOM   166 O OH  . TYR A 1 27 ? -10.907 -0.459  8.224   1.00 68.12 ? 27  TYR A OH  1 
ATOM   167 N N   . SER A 1 28 ? -5.371  -6.641  7.314   1.00 41.69 ? 28  SER A N   1 
ATOM   168 C CA  . SER A 1 28 ? -4.842  -7.767  6.519   1.00 40.08 ? 28  SER A CA  1 
ATOM   169 C C   . SER A 1 28 ? -5.150  -7.544  5.031   1.00 38.50 ? 28  SER A C   1 
ATOM   170 O O   . SER A 1 28 ? -6.067  -6.781  4.680   1.00 35.46 ? 28  SER A O   1 
ATOM   171 C CB  . SER A 1 28 ? -5.459  -9.060  6.982   1.00 46.60 ? 28  SER A CB  1 
ATOM   172 O OG  . SER A 1 28 ? -6.840  -9.031  6.676   1.00 43.89 ? 28  SER A OG  1 
ATOM   173 N N   . THR A 1 29 ? -4.435  -8.218  4.146   1.00 36.37 ? 29  THR A N   1 
ATOM   174 C CA  . THR A 1 29 ? -4.666  -8.092  2.686   1.00 39.42 ? 29  THR A CA  1 
ATOM   175 C C   . THR A 1 29 ? -6.100  -8.573  2.396   1.00 39.12 ? 29  THR A C   1 
ATOM   176 O O   . THR A 1 29 ? -6.759  -7.949  1.573   1.00 37.54 ? 29  THR A O   1 
ATOM   177 C CB  . THR A 1 29 ? -3.485  -8.717  1.937   1.00 39.70 ? 29  THR A CB  1 
ATOM   178 O OG1 . THR A 1 29 ? -3.320  -10.078 2.327   1.00 41.83 ? 29  THR A OG1 1 
ATOM   179 C CG2 . THR A 1 29 ? -2.205  -7.957  2.217   1.00 45.05 ? 29  THR A CG2 1 
ATOM   180 N N   . LYS A 1 30 ? -6.614  -9.516  3.195   1.00 38.42 ? 30  LYS A N   1 
ATOM   181 C CA  . LYS A 1 30 ? -7.978  -10.090 3.075   1.00 45.08 ? 30  LYS A CA  1 
ATOM   182 C C   . LYS A 1 30 ? -9.019  -9.036  3.442   1.00 39.62 ? 30  LYS A C   1 
ATOM   183 O O   . LYS A 1 30 ? -9.871  -8.794  2.606   1.00 43.48 ? 30  LYS A O   1 
ATOM   184 C CB  . LYS A 1 30 ? -8.136  -11.350 3.925   1.00 47.79 ? 30  LYS A CB  1 
ATOM   185 C CG  . LYS A 1 30 ? -9.548  -11.916 3.942   1.00 57.37 ? 30  LYS A CG  1 
ATOM   186 C CD  . LYS A 1 30 ? -9.569  -13.433 3.848   1.00 64.74 ? 30  LYS A CD  1 
ATOM   187 C CE  . LYS A 1 30 ? -10.951 -13.969 3.531   1.00 72.62 ? 30  LYS A CE  1 
ATOM   188 N NZ  . LYS A 1 30 ? -11.892 -13.734 4.655   1.00 68.48 ? 30  LYS A NZ  1 
ATOM   189 N N   . ASP A 1 31 ? -8.878  -8.350  4.584   1.00 45.56 ? 31  ASP A N   1 
ATOM   190 C CA  . ASP A 1 31 ? -9.725  -7.174  4.948   1.00 39.15 ? 31  ASP A CA  1 
ATOM   191 C C   . ASP A 1 31 ? -9.687  -6.124  3.834   1.00 39.77 ? 31  ASP A C   1 
ATOM   192 O O   . ASP A 1 31 ? -10.747 -5.526  3.517   1.00 44.68 ? 31  ASP A O   1 
ATOM   193 C CB  . ASP A 1 31 ? -9.294  -6.548  6.286   1.00 49.94 ? 31  ASP A CB  1 
ATOM   194 C CG  . ASP A 1 31 ? -9.297  -7.490  7.489   1.00 60.05 ? 31  ASP A CG  1 
ATOM   195 O OD1 . ASP A 1 31 ? -10.061 -8.496  7.450   1.00 61.80 ? 31  ASP A OD1 1 
ATOM   196 O OD2 . ASP A 1 31 ? -8.534  -7.211  8.466   1.00 59.67 ? 31  ASP A OD2 1 
ATOM   197 N N   . ILE A 1 32 ? -8.502  -5.805  3.302   1.00 41.81 ? 32  ILE A N   1 
ATOM   198 C CA  . ILE A 1 32 ? -8.334  -4.705  2.302   1.00 40.39 ? 32  ILE A CA  1 
ATOM   199 C C   . ILE A 1 32 ? -9.127  -5.065  1.023   1.00 40.98 ? 32  ILE A C   1 
ATOM   200 O O   . ILE A 1 32 ? -9.746  -4.169  0.370   1.00 37.69 ? 32  ILE A O   1 
ATOM   201 C CB  . ILE A 1 32 ? -6.832  -4.462  2.019   1.00 37.95 ? 32  ILE A CB  1 
ATOM   202 C CG1 . ILE A 1 32 ? -6.079  -3.978  3.272   1.00 41.08 ? 32  ILE A CG1 1 
ATOM   203 C CG2 . ILE A 1 32 ? -6.647  -3.493  0.858   1.00 36.94 ? 32  ILE A CG2 1 
ATOM   204 C CD1 . ILE A 1 32 ? -4.638  -3.572  3.031   1.00 38.66 ? 32  ILE A CD1 1 
ATOM   205 N N   . SER A 1 33 ? -9.051  -6.325  0.619   1.00 37.24 ? 33  SER A N   1 
ATOM   206 C CA  . SER A 1 33 ? -9.644  -6.787  -0.660  1.00 43.98 ? 33  SER A CA  1 
ATOM   207 C C   . SER A 1 33 ? -11.173 -6.682  -0.550  1.00 49.66 ? 33  SER A C   1 
ATOM   208 O O   . SER A 1 33 ? -11.790 -6.120  -1.473  1.00 52.45 ? 33  SER A O   1 
ATOM   209 C CB  . SER A 1 33 ? -9.171  -8.164  -0.978  1.00 42.07 ? 33  SER A CB  1 
ATOM   210 O OG  . SER A 1 33 ? -9.625  -9.077  -0.021  1.00 43.46 ? 33  SER A OG  1 
ATOM   211 N N   . ILE A 1 34 ? -11.727 -7.104  0.592   1.00 55.11 ? 34  ILE A N   1 
ATOM   212 C CA  . ILE A 1 34 ? -13.170 -6.935  0.946   1.00 49.13 ? 34  ILE A CA  1 
ATOM   213 C C   . ILE A 1 34 ? -13.524 -5.439  0.864   1.00 51.47 ? 34  ILE A C   1 
ATOM   214 O O   . ILE A 1 34 ? -14.350 -5.083  0.018   1.00 47.91 ? 34  ILE A O   1 
ATOM   215 C CB  . ILE A 1 34 ? -13.478 -7.574  2.313   1.00 52.89 ? 34  ILE A CB  1 
ATOM   216 C CG1 . ILE A 1 34 ? -13.358 -9.099  2.226   1.00 48.61 ? 34  ILE A CG1 1 
ATOM   217 C CG2 . ILE A 1 34 ? -14.838 -7.133  2.834   1.00 60.11 ? 34  ILE A CG2 1 
ATOM   218 C CD1 . ILE A 1 34 ? -13.503 -9.821  3.545   1.00 53.51 ? 34  ILE A CD1 1 
ATOM   219 N N   . GLN A 1 35 ? -12.878 -4.573  1.645   1.00 45.86 ? 35  GLN A N   1 
ATOM   220 C CA  . GLN A 1 35 ? -13.233 -3.129  1.673   1.00 46.44 ? 35  GLN A CA  1 
ATOM   221 C C   . GLN A 1 35 ? -13.152 -2.489  0.282   1.00 42.52 ? 35  GLN A C   1 
ATOM   222 O O   . GLN A 1 35 ? -14.018 -1.666  -0.008  1.00 49.67 ? 35  GLN A O   1 
ATOM   223 C CB  . GLN A 1 35 ? -12.345 -2.337  2.625   1.00 47.89 ? 35  GLN A CB  1 
ATOM   224 C CG  . GLN A 1 35 ? -12.868 -0.918  2.817   1.00 52.01 ? 35  GLN A CG  1 
ATOM   225 C CD  . GLN A 1 35 ? -12.207 -0.223  3.976   1.00 59.31 ? 35  GLN A CD  1 
ATOM   226 O OE1 . GLN A 1 35 ? -11.863 -0.844  4.982   1.00 65.54 ? 35  GLN A OE1 1 
ATOM   227 N NE2 . GLN A 1 35 ? -11.999 1.074   3.824   1.00 56.69 ? 35  GLN A NE2 1 
ATOM   228 N N   . LEU A 1 36 ? -12.124 -2.779  -0.533  1.00 45.18 ? 36  LEU A N   1 
ATOM   229 C CA  . LEU A 1 36 ? -11.953 -2.113  -1.864  1.00 47.21 ? 36  LEU A CA  1 
ATOM   230 C C   . LEU A 1 36 ? -12.643 -2.922  -2.983  1.00 45.66 ? 36  LEU A C   1 
ATOM   231 O O   . LEU A 1 36 ? -12.725 -2.416  -4.098  1.00 43.15 ? 36  LEU A O   1 
ATOM   232 C CB  . LEU A 1 36 ? -10.468 -1.906  -2.158  1.00 52.88 ? 36  LEU A CB  1 
ATOM   233 C CG  . LEU A 1 36 ? -9.677  -1.090  -1.129  1.00 56.18 ? 36  LEU A CG  1 
ATOM   234 C CD1 . LEU A 1 36 ? -8.218  -1.009  -1.541  1.00 56.10 ? 36  LEU A CD1 1 
ATOM   235 C CD2 . LEU A 1 36 ? -10.239 0.314   -0.950  1.00 56.69 ? 36  LEU A CD2 1 
ATOM   236 N N   . LYS A 1 37 ? -13.135 -4.117  -2.677  1.00 46.44 ? 37  LYS A N   1 
ATOM   237 C CA  . LYS A 1 37 ? -13.940 -4.989  -3.582  1.00 53.75 ? 37  LYS A CA  1 
ATOM   238 C C   . LYS A 1 37 ? -13.056 -5.405  -4.768  1.00 49.40 ? 37  LYS A C   1 
ATOM   239 O O   . LYS A 1 37 ? -13.406 -5.139  -5.920  1.00 44.37 ? 37  LYS A O   1 
ATOM   240 C CB  . LYS A 1 37 ? -15.271 -4.309  -3.945  1.00 63.25 ? 37  LYS A CB  1 
ATOM   241 C CG  . LYS A 1 37 ? -16.371 -4.472  -2.890  1.00 65.92 ? 37  LYS A CG  1 
ATOM   242 C CD  . LYS A 1 37 ? -17.766 -4.037  -3.328  1.00 72.85 ? 37  LYS A CD  1 
ATOM   243 C CE  . LYS A 1 37 ? -18.136 -2.635  -2.886  1.00 79.87 ? 37  LYS A CE  1 
ATOM   244 N NZ  . LYS A 1 37 ? -17.118 -1.646  -3.306  1.00 83.20 ? 37  LYS A NZ  1 
ATOM   245 N N   . ILE A 1 38 ? -11.932 -6.045  -4.459  1.00 46.88 ? 38  ILE A N   1 
ATOM   246 C CA  . ILE A 1 38 ? -10.962 -6.588  -5.453  1.00 45.37 ? 38  ILE A CA  1 
ATOM   247 C C   . ILE A 1 38 ? -10.449 -7.900  -4.881  1.00 41.83 ? 38  ILE A C   1 
ATOM   248 O O   . ILE A 1 38 ? -10.667 -8.135  -3.678  1.00 44.16 ? 38  ILE A O   1 
ATOM   249 C CB  . ILE A 1 38 ? -9.822  -5.586  -5.736  1.00 46.88 ? 38  ILE A CB  1 
ATOM   250 C CG1 . ILE A 1 38 ? -8.965  -5.311  -4.494  1.00 44.86 ? 38  ILE A CG1 1 
ATOM   251 C CG2 . ILE A 1 38 ? -10.357 -4.305  -6.368  1.00 52.49 ? 38  ILE A CG2 1 
ATOM   252 C CD1 . ILE A 1 38 ? -7.761  -4.424  -4.801  1.00 44.81 ? 38  ILE A CD1 1 
ATOM   253 N N   . SER A 1 39 ? -9.699  -8.688  -5.644  1.00 40.78 ? 39  SER A N   1 
ATOM   254 C CA  . SER A 1 39 ? -9.237  -9.993  -5.117  1.00 41.34 ? 39  SER A CA  1 
ATOM   255 C C   . SER A 1 39 ? -8.049  -9.754  -4.185  1.00 37.42 ? 39  SER A C   1 
ATOM   256 O O   . SER A 1 39 ? -7.331  -8.750  -4.347  1.00 40.59 ? 39  SER A O   1 
ATOM   257 C CB  . SER A 1 39 ? -8.922  -10.991 -6.205  1.00 38.31 ? 39  SER A CB  1 
ATOM   258 O OG  . SER A 1 39 ? -7.563  -10.935 -6.560  1.00 41.81 ? 39  SER A OG  1 
ATOM   259 N N   . GLU A 1 40 ? -7.822  -10.666 -3.249  1.00 35.56 ? 40  GLU A N   1 
ATOM   260 C CA  . GLU A 1 40 ? -6.659  -10.540 -2.330  1.00 41.06 ? 40  GLU A CA  1 
ATOM   261 C C   . GLU A 1 40 ? -5.360  -10.707 -3.127  1.00 43.06 ? 40  GLU A C   1 
ATOM   262 O O   . GLU A 1 40 ? -4.357  -10.098 -2.753  1.00 36.55 ? 40  GLU A O   1 
ATOM   263 C CB  . GLU A 1 40 ? -6.711  -11.586 -1.231  1.00 42.18 ? 40  GLU A CB  1 
ATOM   264 C CG  . GLU A 1 40 ? -5.612  -11.376 -0.218  1.00 49.99 ? 40  GLU A CG  1 
ATOM   265 C CD  . GLU A 1 40 ? -5.720  -12.260 1.001   1.00 56.49 ? 40  GLU A CD  1 
ATOM   266 O OE1 . GLU A 1 40 ? -6.760  -12.958 1.121   1.00 54.55 ? 40  GLU A OE1 1 
ATOM   267 O OE2 . GLU A 1 40 ? -4.772  -12.225 1.831   1.00 54.77 ? 40  GLU A OE2 1 
ATOM   268 N N   . LYS A 1 41 ? -5.375  -11.515 -4.191  1.00 36.63 ? 41  LYS A N   1 
ATOM   269 C CA  . LYS A 1 41 ? -4.191  -11.727 -5.074  1.00 37.38 ? 41  LYS A CA  1 
ATOM   270 C C   . LYS A 1 41 ? -3.753  -10.400 -5.696  1.00 36.65 ? 41  LYS A C   1 
ATOM   271 O O   . LYS A 1 41 ? -2.496  -10.194 -5.833  1.00 33.01 ? 41  LYS A O   1 
ATOM   272 C CB  . LYS A 1 41 ? -4.490  -12.784 -6.142  1.00 38.34 ? 41  LYS A CB  1 
ATOM   273 C CG  . LYS A 1 41 ? -4.586  -14.197 -5.599  0.50 33.76 ? 41  LYS A CG  1 
ATOM   274 C CD  . LYS A 1 41 ? -4.929  -15.232 -6.650  0.50 31.31 ? 41  LYS A CD  1 
ATOM   275 C CE  . LYS A 1 41 ? -5.448  -16.508 -6.027  0.50 32.10 ? 41  LYS A CE  1 
ATOM   276 N NZ  . LYS A 1 41 ? -5.514  -17.607 -7.023  0.50 33.19 ? 41  LYS A NZ  1 
ATOM   277 N N   . THR A 1 42 ? -4.721  -9.565  -6.072  1.00 31.85 ? 42  THR A N   1 
ATOM   278 C CA  . THR A 1 42 ? -4.490  -8.259  -6.737  1.00 34.60 ? 42  THR A CA  1 
ATOM   279 C C   . THR A 1 42 ? -3.904  -7.293  -5.685  1.00 31.93 ? 42  THR A C   1 
ATOM   280 O O   . THR A 1 42 ? -2.988  -6.551  -6.038  1.00 32.37 ? 42  THR A O   1 
ATOM   281 C CB  . THR A 1 42 ? -5.771  -7.692  -7.334  1.00 36.17 ? 42  THR A CB  1 
ATOM   282 O OG1 . THR A 1 42 ? -6.331  -8.642  -8.235  1.00 39.03 ? 42  THR A OG1 1 
ATOM   283 C CG2 . THR A 1 42 ? -5.574  -6.373  -8.067  1.00 37.83 ? 42  THR A CG2 1 
ATOM   284 N N   . VAL A 1 43 ? -4.441  -7.317  -4.453  1.00 32.86 ? 43  VAL A N   1 
ATOM   285 C CA  . VAL A 1 43 ? -3.921  -6.495  -3.313  1.00 34.30 ? 43  VAL A CA  1 
ATOM   286 C C   . VAL A 1 43 ? -2.448  -6.819  -3.108  1.00 30.22 ? 43  VAL A C   1 
ATOM   287 O O   . VAL A 1 43 ? -1.609  -5.890  -3.150  1.00 30.17 ? 43  VAL A O   1 
ATOM   288 C CB  . VAL A 1 43 ? -4.706  -6.698  -2.013  1.00 31.66 ? 43  VAL A CB  1 
ATOM   289 C CG1 . VAL A 1 43 ? -4.021  -6.018  -0.825  1.00 31.76 ? 43  VAL A CG1 1 
ATOM   290 C CG2 . VAL A 1 43 ? -6.127  -6.235  -2.174  1.00 30.14 ? 43  VAL A CG2 1 
ATOM   291 N N   . ARG A 1 44 ? -2.122  -8.098  -2.972  1.00 28.98 ? 44  ARG A N   1 
ATOM   292 C CA  . ARG A 1 44 ? -0.712  -8.574  -2.845  1.00 34.04 ? 44  ARG A CA  1 
ATOM   293 C C   . ARG A 1 44 ? 0.170   -8.112  -4.007  1.00 32.86 ? 44  ARG A C   1 
ATOM   294 O O   . ARG A 1 44 ? 1.343   -7.686  -3.734  1.00 29.99 ? 44  ARG A O   1 
ATOM   295 C CB  . ARG A 1 44 ? -0.701  -10.097 -2.705  1.00 43.65 ? 44  ARG A CB  1 
ATOM   296 C CG  . ARG A 1 44 ? -1.251  -10.601 -1.381  1.00 47.16 ? 44  ARG A CG  1 
ATOM   297 C CD  . ARG A 1 44 ? -0.713  -12.001 -1.166  1.00 53.77 ? 44  ARG A CD  1 
ATOM   298 N NE  . ARG A 1 44 ? -1.237  -12.616 0.031   1.00 67.79 ? 44  ARG A NE  1 
ATOM   299 C CZ  . ARG A 1 44 ? -2.351  -13.343 0.103   1.00 77.52 ? 44  ARG A CZ  1 
ATOM   300 N NH1 . ARG A 1 44 ? -3.107  -13.556 -0.968  1.00 83.59 ? 44  ARG A NH1 1 
ATOM   301 N NH2 . ARG A 1 44 ? -2.707  -13.853 1.271   1.00 74.57 ? 44  ARG A NH2 1 
ATOM   302 N N   . ASN A 1 45 ? -0.294  -8.235  -5.257  1.00 32.28 ? 45  ASN A N   1 
ATOM   303 C CA  . ASN A 1 45 ? 0.490   -7.852  -6.461  1.00 31.65 ? 45  ASN A CA  1 
ATOM   304 C C   . ASN A 1 45 ? 0.679   -6.330  -6.479  1.00 31.80 ? 45  ASN A C   1 
ATOM   305 O O   . ASN A 1 45 ? 1.751   -5.878  -6.899  1.00 29.28 ? 45  ASN A O   1 
ATOM   306 C CB  . ASN A 1 45 ? -0.097  -8.409  -7.754  1.00 36.72 ? 45  ASN A CB  1 
ATOM   307 C CG  . ASN A 1 45 ? 0.140   -9.908  -7.855  1.00 35.68 ? 45  ASN A CG  1 
ATOM   308 O OD1 . ASN A 1 45 ? 1.213   -10.382 -7.516  1.00 34.63 ? 45  ASN A OD1 1 
ATOM   309 N ND2 . ASN A 1 45 ? -0.848  -10.641 -8.298  1.00 33.42 ? 45  ASN A ND2 1 
ATOM   310 N N   . HIS A 1 46 ? -0.271  -5.569  -5.976  1.00 31.26 ? 46  HIS A N   1 
ATOM   311 C CA  . HIS A 1 46 ? -0.115  -4.087  -5.920  1.00 31.01 ? 46  HIS A CA  1 
ATOM   312 C C   . HIS A 1 46 ? 1.000   -3.705  -4.934  1.00 27.52 ? 46  HIS A C   1 
ATOM   313 O O   . HIS A 1 46 ? 1.785   -2.782  -5.210  1.00 30.59 ? 46  HIS A O   1 
ATOM   314 C CB  . HIS A 1 46 ? -1.438  -3.451  -5.524  1.00 30.10 ? 46  HIS A CB  1 
ATOM   315 C CG  . HIS A 1 46 ? -2.333  -3.133  -6.664  1.00 36.63 ? 46  HIS A CG  1 
ATOM   316 N ND1 . HIS A 1 46 ? -3.608  -3.685  -6.770  1.00 44.92 ? 46  HIS A ND1 1 
ATOM   317 C CD2 . HIS A 1 46 ? -2.156  -2.346  -7.745  1.00 28.94 ? 46  HIS A CD2 1 
ATOM   318 C CE1 . HIS A 1 46 ? -4.168  -3.236  -7.868  1.00 35.70 ? 46  HIS A CE1 1 
ATOM   319 N NE2 . HIS A 1 46 ? -3.288  -2.460  -8.497  1.00 40.04 ? 46  HIS A NE2 1 
ATOM   320 N N   . ILE A 1 47 ? 0.977   -4.337  -3.775  1.00 28.77 ? 47  ILE A N   1 
ATOM   321 C CA  . ILE A 1 47 ? 1.972   -4.181  -2.702  1.00 29.79 ? 47  ILE A CA  1 
ATOM   322 C C   . ILE A 1 47 ? 3.328   -4.565  -3.294  1.00 31.81 ? 47  ILE A C   1 
ATOM   323 O O   . ILE A 1 47 ? 4.309   -3.782  -3.117  1.00 27.75 ? 47  ILE A O   1 
ATOM   324 C CB  . ILE A 1 47 ? 1.563   -5.015  -1.474  1.00 25.56 ? 47  ILE A CB  1 
ATOM   325 C CG1 . ILE A 1 47 ? 0.329   -4.432  -0.781  1.00 25.18 ? 47  ILE A CG1 1 
ATOM   326 C CG2 . ILE A 1 47 ? 2.742   -5.164  -0.537  1.00 30.24 ? 47  ILE A CG2 1 
ATOM   327 C CD1 . ILE A 1 47 ? -0.320  -5.364  0.223   1.00 26.43 ? 47  ILE A CD1 1 
ATOM   328 N N   . SER A 1 48 ? 3.431   -5.715  -3.973  1.00 26.63 ? 48  SER A N   1 
ATOM   329 C CA  . SER A 1 48 ? 4.739   -6.146  -4.545  1.00 29.70 ? 48  SER A CA  1 
ATOM   330 C C   . SER A 1 48 ? 5.248   -5.120  -5.529  1.00 25.47 ? 48  SER A C   1 
ATOM   331 O O   . SER A 1 48 ? 6.483   -4.809  -5.507  1.00 29.36 ? 48  SER A O   1 
ATOM   332 C CB  . SER A 1 48 ? 4.723   -7.483  -5.183  1.00 30.23 ? 48  SER A CB  1 
ATOM   333 O OG  . SER A 1 48 ? 4.309   -8.433  -4.233  1.00 36.61 ? 48  SER A OG  1 
ATOM   334 N N   . ASN A 1 49 ? 4.343   -4.625  -6.373  1.00 28.00 ? 49  ASN A N   1 
ATOM   335 C CA  . ASN A 1 49 ? 4.703   -3.630  -7.401  1.00 29.98 ? 49  ASN A CA  1 
ATOM   336 C C   . ASN A 1 49 ? 5.231   -2.364  -6.727  1.00 28.79 ? 49  ASN A C   1 
ATOM   337 O O   . ASN A 1 49 ? 6.188   -1.775  -7.249  1.00 31.34 ? 49  ASN A O   1 
ATOM   338 C CB  . ASN A 1 49 ? 3.480   -3.371  -8.280  1.00 36.95 ? 49  ASN A CB  1 
ATOM   339 C CG  . ASN A 1 49 ? 3.833   -2.795  -9.625  1.00 42.17 ? 49  ASN A CG  1 
ATOM   340 O OD1 . ASN A 1 49 ? 4.841   -3.174  -10.197 1.00 44.92 ? 49  ASN A OD1 1 
ATOM   341 N ND2 . ASN A 1 49 ? 2.989   -1.911  -10.125 1.00 49.16 ? 49  ASN A ND2 1 
ATOM   342 N N   . THR A 1 50 ? 4.592   -1.890  -5.648  1.00 31.89 ? 50  THR A N   1 
ATOM   343 C CA  . THR A 1 50 ? 4.995   -0.602  -4.981  1.00 29.32 ? 50  THR A CA  1 
ATOM   344 C C   . THR A 1 50 ? 6.369   -0.811  -4.337  1.00 29.44 ? 50  THR A C   1 
ATOM   345 O O   . THR A 1 50 ? 7.255   0.045   -4.417  1.00 28.43 ? 50  THR A O   1 
ATOM   346 C CB  . THR A 1 50 ? 3.943   -0.163  -3.956  1.00 32.62 ? 50  THR A CB  1 
ATOM   347 O OG1 . THR A 1 50 ? 2.716   -0.132  -4.667  1.00 32.93 ? 50  THR A OG1 1 
ATOM   348 C CG2 . THR A 1 50 ? 4.201   1.206   -3.357  1.00 32.74 ? 50  THR A CG2 1 
ATOM   349 N N   . ILE A 1 51 ? 6.564   -1.963  -3.687  1.00 33.08 ? 51  ILE A N   1 
ATOM   350 C CA  . ILE A 1 51 ? 7.851   -2.320  -3.037  1.00 33.38 ? 51  ILE A CA  1 
ATOM   351 C C   . ILE A 1 51 ? 8.959   -2.177  -4.069  1.00 29.54 ? 51  ILE A C   1 
ATOM   352 O O   . ILE A 1 51 ? 10.045  -1.613  -3.728  1.00 29.09 ? 51  ILE A O   1 
ATOM   353 C CB  . ILE A 1 51 ? 7.793   -3.734  -2.407  1.00 32.93 ? 51  ILE A CB  1 
ATOM   354 C CG1 . ILE A 1 51 ? 6.975   -3.716  -1.117  1.00 31.29 ? 51  ILE A CG1 1 
ATOM   355 C CG2 . ILE A 1 51 ? 9.188   -4.291  -2.185  1.00 35.44 ? 51  ILE A CG2 1 
ATOM   356 C CD1 . ILE A 1 51 ? 6.479   -5.113  -0.714  1.00 30.30 ? 51  ILE A CD1 1 
ATOM   357 N N   . GLN A 1 52 ? 8.728   -2.688  -5.271  1.00 31.33 ? 52  GLN A N   1 
ATOM   358 C CA  . GLN A 1 52 ? 9.747   -2.692  -6.355  1.00 35.61 ? 52  GLN A CA  1 
ATOM   359 C C   . GLN A 1 52 ? 9.921   -1.256  -6.868  1.00 35.03 ? 52  GLN A C   1 
ATOM   360 O O   . GLN A 1 52 ? 11.050  -0.828  -7.006  1.00 33.63 ? 52  GLN A O   1 
ATOM   361 C CB  . GLN A 1 52 ? 9.356   -3.666  -7.473  1.00 41.23 ? 52  GLN A CB  1 
ATOM   362 C CG  . GLN A 1 52 ? 9.464   -5.128  -7.034  1.00 51.58 ? 52  GLN A CG  1 
ATOM   363 C CD  . GLN A 1 52 ? 10.847  -5.581  -6.610  1.00 57.76 ? 52  GLN A CD  1 
ATOM   364 O OE1 . GLN A 1 52 ? 11.157  -5.758  -5.415  1.00 55.86 ? 52  GLN A OE1 1 
ATOM   365 N NE2 . GLN A 1 52 ? 11.696  -5.799  -7.608  1.00 61.51 ? 52  GLN A NE2 1 
ATOM   366 N N   . LYS A 1 53 ? 8.839   -0.523  -7.099  1.00 34.99 ? 53  LYS A N   1 
ATOM   367 C CA  . LYS A 1 53 ? 8.920   0.894   -7.577  1.00 33.81 ? 53  LYS A CA  1 
ATOM   368 C C   . LYS A 1 53 ? 9.754   1.722   -6.582  1.00 34.21 ? 53  LYS A C   1 
ATOM   369 O O   . LYS A 1 53 ? 10.631  2.465   -7.001  1.00 35.50 ? 53  LYS A O   1 
ATOM   370 C CB  . LYS A 1 53 ? 7.520   1.473   -7.763  1.00 41.04 ? 53  LYS A CB  1 
ATOM   371 C CG  . LYS A 1 53 ? 6.731   0.961   -8.957  1.00 47.14 ? 53  LYS A CG  1 
ATOM   372 C CD  . LYS A 1 53 ? 5.702   1.970   -9.480  1.00 56.92 ? 53  LYS A CD  1 
ATOM   373 C CE  . LYS A 1 53 ? 6.297   2.968   -10.465 1.00 68.26 ? 53  LYS A CE  1 
ATOM   374 N NZ  . LYS A 1 53 ? 5.956   4.381   -10.140 1.00 69.06 ? 53  LYS A NZ  1 
ATOM   375 N N   . LEU A 1 54 ? 9.565   1.544   -5.279  1.00 38.00 ? 54  LEU A N   1 
ATOM   376 C CA  . LEU A 1 54 ? 10.201  2.419   -4.257  1.00 33.25 ? 54  LEU A CA  1 
ATOM   377 C C   . LEU A 1 54 ? 11.641  1.978   -4.000  1.00 40.39 ? 54  LEU A C   1 
ATOM   378 O O   . LEU A 1 54 ? 12.373  2.774   -3.390  1.00 35.92 ? 54  LEU A O   1 
ATOM   379 C CB  . LEU A 1 54 ? 9.399   2.368   -2.957  1.00 33.49 ? 54  LEU A CB  1 
ATOM   380 C CG  . LEU A 1 54 ? 8.004   2.940   -3.062  1.00 31.81 ? 54  LEU A CG  1 
ATOM   381 C CD1 . LEU A 1 54 ? 7.212   2.621   -1.800  1.00 36.46 ? 54  LEU A CD1 1 
ATOM   382 C CD2 . LEU A 1 54 ? 8.053   4.423   -3.322  1.00 33.68 ? 54  LEU A CD2 1 
ATOM   383 N N   . GLY A 1 55 ? 11.985  0.773   -4.431  1.00 32.79 ? 55  GLY A N   1 
ATOM   384 C CA  . GLY A 1 55 ? 13.298  0.113   -4.272  1.00 38.79 ? 55  GLY A CA  1 
ATOM   385 C C   . GLY A 1 55 ? 13.556  -0.381  -2.869  1.00 38.63 ? 55  GLY A C   1 
ATOM   386 O O   . GLY A 1 55 ? 14.733  -0.302  -2.427  1.00 36.70 ? 55  GLY A O   1 
ATOM   387 N N   . VAL A 1 56 ? 12.521  -0.795  -2.132  1.00 32.30 ? 56  VAL A N   1 
ATOM   388 C CA  . VAL A 1 56 ? 12.647  -0.990  -0.656  1.00 33.82 ? 56  VAL A CA  1 
ATOM   389 C C   . VAL A 1 56 ? 12.628  -2.504  -0.424  1.00 38.04 ? 56  VAL A C   1 
ATOM   390 O O   . VAL A 1 56 ? 12.378  -3.246  -1.387  1.00 32.86 ? 56  VAL A O   1 
ATOM   391 C CB  . VAL A 1 56 ? 11.559  -0.245  0.151   1.00 30.78 ? 56  VAL A CB  1 
ATOM   392 C CG1 . VAL A 1 56 ? 11.750  1.266   0.098   1.00 36.75 ? 56  VAL A CG1 1 
ATOM   393 C CG2 . VAL A 1 56 ? 10.150  -0.593  -0.286  1.00 31.83 ? 56  VAL A CG2 1 
ATOM   394 N N   . SER A 1 57 ? 12.934  -2.913  0.791   1.00 39.37 ? 57  SER A N   1 
ATOM   395 C CA  . SER A 1 57 ? 13.204  -4.320  1.173   1.00 44.40 ? 57  SER A CA  1 
ATOM   396 C C   . SER A 1 57 ? 11.913  -5.092  1.504   1.00 44.73 ? 57  SER A C   1 
ATOM   397 O O   . SER A 1 57 ? 11.995  -6.352  1.577   1.00 48.46 ? 57  SER A O   1 
ATOM   398 C CB  . SER A 1 57 ? 14.166  -4.330  2.324   1.00 47.52 ? 57  SER A CB  1 
ATOM   399 O OG  . SER A 1 57 ? 13.623  -3.658  3.451   1.00 46.36 ? 57  SER A OG  1 
ATOM   400 N N   . GLY A 1 58 ? 10.776  -4.402  1.691   1.00 35.13 ? 58  GLY A N   1 
ATOM   401 C CA  . GLY A 1 58 ? 9.485   -5.007  2.090   1.00 36.12 ? 58  GLY A CA  1 
ATOM   402 C C   . GLY A 1 58 ? 8.425   -3.995  2.488   1.00 34.49 ? 58  GLY A C   1 
ATOM   403 O O   . GLY A 1 58 ? 8.671   -2.757  2.297   1.00 32.63 ? 58  GLY A O   1 
ATOM   404 N N   . ARG A 1 59 ? 7.302   -4.473  3.071   1.00 30.57 ? 59  ARG A N   1 
ATOM   405 C CA  . ARG A 1 59 ? 6.082   -3.655  3.287   1.00 35.78 ? 59  ARG A CA  1 
ATOM   406 C C   . ARG A 1 59 ? 6.357   -2.567  4.303   1.00 33.44 ? 59  ARG A C   1 
ATOM   407 O O   . ARG A 1 59 ? 5.864   -1.466  4.091   1.00 29.60 ? 59  ARG A O   1 
ATOM   408 C CB  . ARG A 1 59 ? 4.912   -4.409  3.897   1.00 38.23 ? 59  ARG A CB  1 
ATOM   409 C CG  . ARG A 1 59 ? 4.362   -5.475  2.988   1.00 45.46 ? 59  ARG A CG  1 
ATOM   410 C CD  . ARG A 1 59 ? 3.048   -5.978  3.525   1.00 41.69 ? 59  ARG A CD  1 
ATOM   411 N NE  . ARG A 1 59 ? 2.672   -7.004  2.573   1.00 48.83 ? 59  ARG A NE  1 
ATOM   412 C CZ  . ARG A 1 59 ? 1.708   -7.874  2.769   1.00 45.97 ? 59  ARG A CZ  1 
ATOM   413 N NH1 . ARG A 1 59 ? 1.012   -7.833  3.890   1.00 44.34 ? 59  ARG A NH1 1 
ATOM   414 N NH2 . ARG A 1 59 ? 1.445   -8.765  1.828   1.00 53.88 ? 59  ARG A NH2 1 
ATOM   415 N N   . SER A 1 60 ? 7.064   -2.897  5.388   1.00 32.42 ? 60  SER A N   1 
ATOM   416 C CA  . SER A 1 60 ? 7.352   -1.926  6.478   1.00 32.16 ? 60  SER A CA  1 
ATOM   417 C C   . SER A 1 60 ? 8.117   -0.724  5.901   1.00 31.30 ? 60  SER A C   1 
ATOM   418 O O   . SER A 1 60 ? 7.650   0.416   6.053   1.00 32.92 ? 60  SER A O   1 
ATOM   419 C CB  . SER A 1 60 ? 8.105   -2.559  7.656   1.00 35.19 ? 60  SER A CB  1 
ATOM   420 O OG  . SER A 1 60 ? 8.273   -1.554  8.678   1.00 41.64 ? 60  SER A OG  1 
ATOM   421 N N   . GLN A 1 61 ? 9.192   -0.988  5.155   1.00 30.08 ? 61  GLN A N   1 
ATOM   422 C CA  . GLN A 1 61 ? 10.025  0.076   4.540   1.00 32.73 ? 61  GLN A CA  1 
ATOM   423 C C   . GLN A 1 61 ? 9.211   0.784   3.440   1.00 27.14 ? 61  GLN A C   1 
ATOM   424 O O   . GLN A 1 61 ? 9.443   1.987   3.259   1.00 31.19 ? 61  GLN A O   1 
ATOM   425 C CB  . GLN A 1 61 ? 11.381  -0.481  4.046   1.00 37.86 ? 61  GLN A CB  1 
ATOM   426 C CG  . GLN A 1 61 ? 12.466  -0.670  5.130   1.00 42.34 ? 61  GLN A CG  1 
ATOM   427 C CD  . GLN A 1 61 ? 12.747  0.613   5.890   1.00 41.11 ? 61  GLN A CD  1 
ATOM   428 O OE1 . GLN A 1 61 ? 12.995  1.665   5.307   1.00 46.59 ? 61  GLN A OE1 1 
ATOM   429 N NE2 . GLN A 1 61 ? 12.641  0.577   7.208   1.00 37.23 ? 61  GLN A NE2 1 
ATOM   430 N N   . ALA A 1 62 ? 8.298   0.108   2.715   1.00 28.96 ? 62  ALA A N   1 
ATOM   431 C CA  . ALA A 1 62 ? 7.368   0.763   1.743   1.00 28.00 ? 62  ALA A CA  1 
ATOM   432 C C   . ALA A 1 62 ? 6.513   1.816   2.472   1.00 29.69 ? 62  ALA A C   1 
ATOM   433 O O   . ALA A 1 62 ? 6.506   2.953   2.025   1.00 31.67 ? 62  ALA A O   1 
ATOM   434 C CB  . ALA A 1 62 ? 6.487   -0.214  1.008   1.00 28.58 ? 62  ALA A CB  1 
ATOM   435 N N   . ILE A 1 63 ? 5.818   1.431   3.542   1.00 26.59 ? 63  ILE A N   1 
ATOM   436 C CA  . ILE A 1 63 ? 5.018   2.357   4.411   1.00 29.88 ? 63  ILE A CA  1 
ATOM   437 C C   . ILE A 1 63 ? 5.885   3.563   4.807   1.00 28.18 ? 63  ILE A C   1 
ATOM   438 O O   . ILE A 1 63 ? 5.412   4.670   4.625   1.00 31.02 ? 63  ILE A O   1 
ATOM   439 C CB  . ILE A 1 63 ? 4.422   1.612   5.630   1.00 30.17 ? 63  ILE A CB  1 
ATOM   440 C CG1 . ILE A 1 63 ? 3.422   0.560   5.155   1.00 30.63 ? 63  ILE A CG1 1 
ATOM   441 C CG2 . ILE A 1 63 ? 3.776   2.560   6.633   1.00 32.16 ? 63  ILE A CG2 1 
ATOM   442 C CD1 . ILE A 1 63 ? 3.063   -0.549  6.137   1.00 35.43 ? 63  ILE A CD1 1 
ATOM   443 N N   . LEU A 1 64 ? 7.068   3.341   5.375   1.00 31.61 ? 64  LEU A N   1 
ATOM   444 C CA  . LEU A 1 64 ? 7.917   4.426   5.927   1.00 29.84 ? 64  LEU A CA  1 
ATOM   445 C C   . LEU A 1 64 ? 8.339   5.314   4.757   1.00 31.79 ? 64  LEU A C   1 
ATOM   446 O O   . LEU A 1 64 ? 8.346   6.559   4.949   1.00 26.93 ? 64  LEU A O   1 
ATOM   447 C CB  . LEU A 1 64 ? 9.108   3.869   6.711   1.00 32.32 ? 64  LEU A CB  1 
ATOM   448 C CG  . LEU A 1 64 ? 8.737   3.043   7.956   1.00 33.40 ? 64  LEU A CG  1 
ATOM   449 C CD1 . LEU A 1 64 ? 9.950   2.362   8.520   1.00 32.10 ? 64  LEU A CD1 1 
ATOM   450 C CD2 . LEU A 1 64 ? 8.068   3.899   9.025   1.00 33.35 ? 64  LEU A CD2 1 
ATOM   451 N N   . GLU A 1 65 ? 8.651   4.743   3.584   1.00 26.10 ? 65  GLU A N   1 
ATOM   452 C CA  . GLU A 1 65 ? 9.025   5.562   2.384   1.00 34.92 ? 65  GLU A CA  1 
ATOM   453 C C   . GLU A 1 65 ? 7.886   6.491   1.966   1.00 34.05 ? 65  GLU A C   1 
ATOM   454 O O   . GLU A 1 65 ? 8.155   7.726   1.756   1.00 36.57 ? 65  GLU A O   1 
ATOM   455 C CB  . GLU A 1 65 ? 9.492   4.702   1.208   1.00 37.60 ? 65  GLU A CB  1 
ATOM   456 C CG  . GLU A 1 65 ? 10.950  4.348   1.329   1.00 40.08 ? 65  GLU A CG  1 
ATOM   457 C CD  . GLU A 1 65 ? 11.916  5.527   1.261   1.00 44.07 ? 65  GLU A CD  1 
ATOM   458 O OE1 . GLU A 1 65 ? 12.001  6.182   0.175   1.00 42.99 ? 65  GLU A OE1 1 
ATOM   459 O OE2 . GLU A 1 65 ? 12.566  5.798   2.274   1.00 47.36 ? 65  GLU A OE2 1 
ATOM   460 N N   . LEU A 1 66 ? 6.665   5.967   1.965   1.00 30.26 ? 66  LEU A N   1 
ATOM   461 C CA  . LEU A 1 66 ? 5.444   6.689   1.532   1.00 29.94 ? 66  LEU A CA  1 
ATOM   462 C C   . LEU A 1 66 ? 5.031   7.702   2.627   1.00 35.04 ? 66  LEU A C   1 
ATOM   463 O O   . LEU A 1 66 ? 4.560   8.778   2.251   1.00 32.99 ? 66  LEU A O   1 
ATOM   464 C CB  . LEU A 1 66 ? 4.330   5.709   1.196   1.00 29.93 ? 66  LEU A CB  1 
ATOM   465 C CG  . LEU A 1 66 ? 4.588   4.749   0.028   1.00 29.12 ? 66  LEU A CG  1 
ATOM   466 C CD1 . LEU A 1 66 ? 3.489   3.713   -0.042  1.00 31.15 ? 66  LEU A CD1 1 
ATOM   467 C CD2 . LEU A 1 66 ? 4.702   5.519   -1.273  1.00 30.51 ? 66  LEU A CD2 1 
ATOM   468 N N   . LEU A 1 67 ? 5.231   7.424   3.920   1.00 34.74 ? 67  LEU A N   1 
ATOM   469 C CA  . LEU A 1 67 ? 5.098   8.479   4.988   1.00 31.68 ? 67  LEU A CA  1 
ATOM   470 C C   . LEU A 1 67 ? 6.149   9.570   4.757   1.00 32.90 ? 67  LEU A C   1 
ATOM   471 O O   . LEU A 1 67 ? 5.779   10.773  4.850   1.00 33.90 ? 67  LEU A O   1 
ATOM   472 C CB  . LEU A 1 67 ? 5.247   7.890   6.400   1.00 31.41 ? 67  LEU A CB  1 
ATOM   473 C CG  . LEU A 1 67 ? 4.112   6.981   6.864   1.00 31.66 ? 67  LEU A CG  1 
ATOM   474 C CD1 . LEU A 1 67 ? 4.564   6.094   8.008   1.00 31.75 ? 67  LEU A CD1 1 
ATOM   475 C CD2 . LEU A 1 67 ? 2.859   7.800   7.229   1.00 39.36 ? 67  LEU A CD2 1 
ATOM   476 N N   . ARG A 1 68 ? 7.401   9.230   4.444   1.00 32.28 ? 68  ARG A N   1 
ATOM   477 C CA  . ARG A 1 68 ? 8.473   10.248  4.229   1.00 33.91 ? 68  ARG A CA  1 
ATOM   478 C C   . ARG A 1 68 ? 8.153   11.119  3.010   1.00 39.59 ? 68  ARG A C   1 
ATOM   479 O O   . ARG A 1 68 ? 8.558   12.281  2.992   1.00 30.66 ? 68  ARG A O   1 
ATOM   480 C CB  . ARG A 1 68 ? 9.818   9.578   3.954   1.00 38.14 ? 68  ARG A CB  1 
ATOM   481 C CG  . ARG A 1 68 ? 10.503  9.049   5.196   1.00 32.88 ? 68  ARG A CG  1 
ATOM   482 C CD  . ARG A 1 68 ? 11.572  8.050   4.848   1.00 33.99 ? 68  ARG A CD  1 
ATOM   483 N NE  . ARG A 1 68 ? 11.983  7.391   6.064   1.00 29.18 ? 68  ARG A NE  1 
ATOM   484 C CZ  . ARG A 1 68 ? 12.287  6.079   6.170   1.00 35.80 ? 68  ARG A CZ  1 
ATOM   485 N NH1 . ARG A 1 68 ? 12.230  5.263   5.143   1.00 32.08 ? 68  ARG A NH1 1 
ATOM   486 N NH2 . ARG A 1 68 ? 12.623  5.578   7.336   1.00 36.87 ? 68  ARG A NH2 1 
ATOM   487 N N   . LEU A 1 69 ? 7.449   10.573  2.026   1.00 32.30 ? 69  LEU A N   1 
ATOM   488 C CA  . LEU A 1 69 ? 7.110   11.286  0.758   1.00 40.53 ? 69  LEU A CA  1 
ATOM   489 C C   . LEU A 1 69 ? 5.816   12.094  0.891   1.00 37.35 ? 69  LEU A C   1 
ATOM   490 O O   . LEU A 1 69 ? 5.432   12.694  -0.113  1.00 41.75 ? 69  LEU A O   1 
ATOM   491 C CB  . LEU A 1 69 ? 6.920   10.280  -0.380  1.00 35.13 ? 69  LEU A CB  1 
ATOM   492 C CG  . LEU A 1 69 ? 8.183   9.654   -0.969  1.00 41.80 ? 69  LEU A CG  1 
ATOM   493 C CD1 . LEU A 1 69 ? 7.797   8.575   -1.968  1.00 44.64 ? 69  LEU A CD1 1 
ATOM   494 C CD2 . LEU A 1 69 ? 9.072   10.673  -1.638  1.00 45.84 ? 69  LEU A CD2 1 
ATOM   495 N N   . GLY A 1 70 ? 5.109   12.004  2.013   1.00 40.89 ? 70  GLY A N   1 
ATOM   496 C CA  . GLY A 1 70 ? 3.836   12.707  2.255   1.00 45.54 ? 70  GLY A CA  1 
ATOM   497 C C   . GLY A 1 70 ? 2.643   12.033  1.596   1.00 43.60 ? 70  GLY A C   1 
ATOM   498 O O   . GLY A 1 70 ? 1.578   12.643  1.596   1.00 38.77 ? 70  GLY A O   1 
ATOM   499 N N   . GLU A 1 71 ? 2.769   10.778  1.138   1.00 39.87 ? 71  GLU A N   1 
ATOM   500 C CA  . GLU A 1 71 ? 1.672   10.053  0.458   1.00 36.85 ? 71  GLU A CA  1 
ATOM   501 C C   . GLU A 1 71 ? 0.676   9.403   1.410   1.00 40.22 ? 71  GLU A C   1 
ATOM   502 O O   . GLU A 1 71 ? -0.434  9.062   0.951   1.00 42.86 ? 71  GLU A O   1 
ATOM   503 C CB  . GLU A 1 71 ? 2.248   8.960   -0.452  1.00 40.77 ? 71  GLU A CB  1 
ATOM   504 C CG  . GLU A 1 71 ? 2.869   9.531   -1.689  1.00 39.90 ? 71  GLU A CG  1 
ATOM   505 C CD  . GLU A 1 71 ? 1.903   10.236  -2.649  1.00 47.73 ? 71  GLU A CD  1 
ATOM   506 O OE1 . GLU A 1 71 ? 2.400   10.873  -3.594  1.00 50.22 ? 71  GLU A OE1 1 
ATOM   507 O OE2 . GLU A 1 71 ? 0.661   10.185  -2.441  1.00 47.88 ? 71  GLU A OE2 1 
ATOM   508 N N   . LEU A 1 72 ? 1.066   9.130   2.651   1.00 34.91 ? 72  LEU A N   1 
ATOM   509 C CA  . LEU A 1 72 ? 0.202   8.465   3.643   1.00 34.80 ? 72  LEU A CA  1 
ATOM   510 C C   . LEU A 1 72 ? 0.150   9.370   4.891   1.00 27.61 ? 72  LEU A C   1 
ATOM   511 O O   . LEU A 1 72 ? 1.111   10.076  5.118   1.00 33.81 ? 72  LEU A O   1 
ATOM   512 C CB  . LEU A 1 72 ? 0.786   7.095   4.012   1.00 31.40 ? 72  LEU A CB  1 
ATOM   513 C CG  . LEU A 1 72 ? 0.950   6.063   2.883   1.00 34.17 ? 72  LEU A CG  1 
ATOM   514 C CD1 . LEU A 1 72 ? 1.647   4.817   3.432   1.00 30.45 ? 72  LEU A CD1 1 
ATOM   515 C CD2 . LEU A 1 72 ? -0.372  5.698   2.278   1.00 35.57 ? 72  LEU A CD2 1 
ATOM   516 N N   . SER A 1 73 ? -0.854  9.191   5.720   1.00 37.69 ? 73  SER A N   1 
ATOM   517 C CA  . SER A 1 73 ? -0.869  9.721   7.108   1.00 41.88 ? 73  SER A CA  1 
ATOM   518 C C   . SER A 1 73 ? -0.688  8.562   8.076   1.00 43.57 ? 73  SER A C   1 
ATOM   519 O O   . SER A 1 73 ? -1.192  7.479   7.790   1.00 38.47 ? 73  SER A O   1 
ATOM   520 C CB  . SER A 1 73 ? -2.146  10.415  7.415   1.00 45.78 ? 73  SER A CB  1 
ATOM   521 O OG  . SER A 1 73 ? -3.230  9.595   7.031   1.00 49.97 ? 73  SER A OG  1 
ATOM   522 N N   . LEU A 1 74 ? -0.169  8.868   9.255   1.00 43.75 ? 74  LEU A N   1 
ATOM   523 C CA  . LEU A 1 74 ? 0.035   7.915   10.375  1.00 43.14 ? 74  LEU A CA  1 
ATOM   524 C C   . LEU A 1 74 ? -1.304  7.366   10.905  1.00 46.60 ? 74  LEU A C   1 
ATOM   525 O O   . LEU A 1 74 ? -1.327  6.205   11.425  1.00 46.60 ? 74  LEU A O   1 
ATOM   526 C CB  . LEU A 1 74 ? 0.799   8.741   11.410  1.00 50.53 ? 74  LEU A CB  1 
ATOM   527 C CG  . LEU A 1 74 ? 1.962   8.069   12.121  1.00 49.97 ? 74  LEU A CG  1 
ATOM   528 C CD1 . LEU A 1 74 ? 2.746   7.131   11.225  1.00 38.85 ? 74  LEU A CD1 1 
ATOM   529 C CD2 . LEU A 1 74 ? 2.844   9.128   12.753  1.00 40.35 ? 74  LEU A CD2 1 
ATOM   530 N N   . ASP A 1 75 ? -2.391  8.114   10.703  1.00 46.30 ? 75  ASP A N   1 
ATOM   531 C CA  . ASP A 1 75 ? -3.749  7.825   11.239  1.00 51.93 ? 75  ASP A CA  1 
ATOM   532 C C   . ASP A 1 75 ? -4.532  6.969   10.239  1.00 53.24 ? 75  ASP A C   1 
ATOM   533 O O   . ASP A 1 75 ? -4.784  7.515   9.174   1.00 54.52 ? 75  ASP A O   1 
ATOM   534 C CB  . ASP A 1 75 ? -4.504  9.127   11.555  1.00 47.33 ? 75  ASP A CB  1 
ATOM   535 C CG  . ASP A 1 75 ? -3.887  9.930   12.687  1.00 57.63 ? 75  ASP A CG  1 
ATOM   536 O OD1 . ASP A 1 75 ? -3.104  9.321   13.468  1.00 46.34 ? 75  ASP A OD1 1 
ATOM   537 O OD2 . ASP A 1 75 ? -4.198  11.174  12.785  1.00 48.82 ? 75  ASP A OD2 1 
HETATM 538 O O   . HOH B 2 .  ? -3.635  1.122   -9.522  1.00 51.96 ? 101 HOH A O   1 
HETATM 539 O O   . HOH B 2 .  ? -12.962 -8.928  -3.114  1.00 48.23 ? 102 HOH A O   1 
HETATM 540 O O   . HOH B 2 .  ? 12.453  -3.585  -3.896  1.00 51.51 ? 103 HOH A O   1 
HETATM 541 O O   . HOH B 2 .  ? 3.124   -10.520 -5.088  1.00 52.27 ? 104 HOH A O   1 
HETATM 542 O O   . HOH B 2 .  ? -10.004 3.095   7.153   1.00 53.61 ? 105 HOH A O   1 
HETATM 543 O O   . HOH B 2 .  ? -1.491  -3.877  15.733  1.00 39.82 ? 106 HOH A O   1 
HETATM 544 O O   . HOH B 2 .  ? -0.442  -10.416 2.601   1.00 50.67 ? 107 HOH A O   1 
HETATM 545 O O   . HOH B 2 .  ? 2.307   -8.385  -1.308  1.00 41.15 ? 108 HOH A O   1 
HETATM 546 O O   . HOH B 2 .  ? -0.955  12.283  -1.858  1.00 63.20 ? 109 HOH A O   1 
HETATM 547 O O   . HOH B 2 .  ? -4.957  -11.627 4.477   1.00 49.48 ? 110 HOH A O   1 
HETATM 548 O O   . HOH B 2 .  ? 11.304  -1.412  8.559   1.00 49.17 ? 111 HOH A O   1 
HETATM 549 O O   . HOH B 2 .  ? -8.975  -7.872  -8.499  1.00 34.36 ? 112 HOH A O   1 
HETATM 550 O O   . HOH B 2 .  ? -9.227  1.168   -4.745  1.00 65.50 ? 113 HOH A O   1 
HETATM 551 O O   . HOH B 2 .  ? 8.427   -6.608  -4.686  1.00 45.79 ? 114 HOH A O   1 
HETATM 552 O O   . HOH B 2 .  ? -6.842  -3.248  -9.226  1.00 43.28 ? 115 HOH A O   1 
HETATM 553 O O   . HOH B 2 .  ? -9.869  -12.529 -2.833  1.00 34.39 ? 116 HOH A O   1 
HETATM 554 O O   . HOH B 2 .  ? -8.823  -11.006 7.306   1.00 65.28 ? 117 HOH A O   1 
HETATM 555 O O   . HOH B 2 .  ? -4.296  -7.597  10.320  1.00 53.83 ? 118 HOH A O   1 
HETATM 556 O O   . HOH B 2 .  ? 4.029   -10.197 -7.959  1.00 63.19 ? 119 HOH A O   1 
HETATM 557 O O   . HOH B 2 .  ? 6.780   13.261  5.854   1.00 50.32 ? 120 HOH A O   1 
HETATM 558 O O   . HOH B 2 .  ? -3.449  8.399   2.076   1.00 48.29 ? 121 HOH A O   1 
HETATM 559 O O   . HOH B 2 .  ? 12.119  -6.138  -1.671  1.00 62.16 ? 122 HOH A O   1 
HETATM 560 O O   . HOH B 2 .  ? 0.774   11.635  9.311   1.00 46.66 ? 123 HOH A O   1 
HETATM 561 O O   . HOH B 2 .  ? 7.798   -5.671  6.133   1.00 42.63 ? 124 HOH A O   1 
HETATM 562 O O   . HOH B 2 .  ? 10.519  -3.630  4.922   1.00 34.55 ? 125 HOH A O   1 
HETATM 563 O O   . HOH B 2 .  ? 6.245   0.505   9.362   0.50 43.76 ? 126 HOH A O   1 
HETATM 564 O O   . HOH B 2 .  ? -6.732  4.177   -8.751  1.00 53.40 ? 127 HOH A O   1 
HETATM 565 O O   . HOH B 2 .  ? 7.237   -7.481  3.158   1.00 45.07 ? 128 HOH A O   1 
HETATM 566 O O   . HOH B 2 .  ? -8.196  7.156   4.334   1.00 57.92 ? 129 HOH A O   1 
HETATM 567 O O   . HOH B 2 .  ? -6.125  7.323   -2.520  1.00 64.01 ? 130 HOH A O   1 
HETATM 568 O O   . HOH B 2 .  ? 4.860   -8.137  0.656   1.00 41.33 ? 131 HOH A O   1 
HETATM 569 O O   . HOH B 2 .  ? -1.628  -9.357  5.360   1.00 44.86 ? 132 HOH A O   1 
HETATM 570 O O   . HOH B 2 .  ? 15.818  6.939   7.393   1.00 48.08 ? 133 HOH A O   1 
HETATM 571 O O   . HOH B 2 .  ? 9.419   -7.665  -0.529  1.00 50.59 ? 134 HOH A O   1 
HETATM 572 O O   . HOH B 2 .  ? -1.779  -11.707 5.364   1.00 42.56 ? 135 HOH A O   1 
HETATM 573 O O   . HOH B 2 .  ? -13.113 -10.368 -6.196  1.00 59.28 ? 136 HOH A O   1 
HETATM 574 O O   . HOH B 2 .  ? 8.877   -8.692  -6.475  1.00 55.52 ? 137 HOH A O   1 
HETATM 575 O O   . HOH B 2 .  ? -2.823  14.143  -18.965 1.00 73.22 ? 138 HOH A O   1 
HETATM 576 O O   . HOH B 2 .  ? -6.149  -9.538  10.765  1.00 60.74 ? 139 HOH A O   1 
HETATM 577 O O   . HOH B 2 .  ? 3.924   10.823  9.566   1.00 47.04 ? 140 HOH A O   1 
# 
